data_2QPJ
#
_entry.id   2QPJ
#
_cell.length_a   107.123
_cell.length_b   107.123
_cell.length_c   112.375
_cell.angle_alpha   90.00
_cell.angle_beta   90.00
_cell.angle_gamma   120.00
#
_symmetry.space_group_name_H-M   'P 32 2 1'
#
loop_
_entity.id
_entity.type
_entity.pdbx_description
1 polymer Neprilysin
2 non-polymer 2-acetamido-2-deoxy-beta-D-glucopyranose
3 non-polymer 'ZINC ION'
4 non-polymer '(2S)-2-({(2S)-3-[(R)-[(1R)-1-({(4S)-4-amino-5-[(2S)-2-cyanopyrrolidin-1-yl]-5-oxopentanoyl}amino)ethyl](hydroxy)phosphoryl]-2-benzylpropanoyl}amino)propanoic acid'
5 water water
#
_entity_poly.entity_id   1
_entity_poly.type   'polypeptide(L)'
_entity_poly.pdbx_seq_one_letter_code
;GICKSSDCIKSAARLIQNMDATTEPCTDFFKYACGGWLKRNVIPETSSRYGNFDILRDELEVVLKDVLQEPKTEDIVAVQ
KAKALYRSCINESAIDSRGGEPLLKLLPDIYGWPVATENWEQKYGASWTAEKAIAQLNSKYGKKVLINLFVGTDDKNSVN
HVIHIDQPRLGLPSRDYYECTGIYKEACTAYVDFMISVARLIRQEERLPIDENQLALEMNKVMELEKEIANATAKPEDRN
DPMLLYNKMTLAQIQNNFSLEINGKPFSWLNFTNEIMSTVNISITNEEDVVVYAPEYLTKLKPILTKYSARDLQNLMSWR
FIMDLVSSLSRTYKESRNAFRKALYGTTSETATWRRCANYVNGNMENAVGRLYVEAAFAGESKHVVEDLIAQIREVFIQT
LDDLTWMDAETKKRAEEKALAIKERIGYPDDIVSNDNKLNNEYLELNYKEDEYFENIIQNLKFSQSKQLKKLREKVDKDE
WISGAAVVNAFYSSGRNQIVFPAGILQPPFFSAQQSNSLNYGGIGMVIGHEITHGFDDNGRNFNKDGDLVDWWTQQSASN
FKEQSQCMVYQYGNFSWDLAGGQHLNGINTLGENIADNGGLGQAYRAYQNYIKKNGEEKLLPGLDLNHKQLFFLNFAQVW
CGTYRPEYAVNSIKTDVHSPGNFRIIGTLQNSAEFSEAFHCRKNSYMNPEKKCRVW
;
_entity_poly.pdbx_strand_id   A
#
loop_
_chem_comp.id
_chem_comp.type
_chem_comp.name
_chem_comp.formula
I20 non-polymer '(2S)-2-({(2S)-3-[(R)-[(1R)-1-({(4S)-4-amino-5-[(2S)-2-cyanopyrrolidin-1-yl]-5-oxopentanoyl}amino)ethyl](hydroxy)phosphoryl]-2-benzylpropanoyl}amino)propanoic acid' 'C25 H36 N5 O7 P'
NAG D-saccharide, beta linking 2-acetamido-2-deoxy-beta-D-glucopyranose 'C8 H15 N O6'
ZN non-polymer 'ZINC ION' 'Zn 2'
#
# COMPACT_ATOMS: atom_id res chain seq x y z
N GLY A 1 -9.33 -39.63 19.40
CA GLY A 1 -8.70 -39.16 18.13
C GLY A 1 -8.69 -37.65 18.05
N ILE A 2 -8.69 -37.02 19.21
CA ILE A 2 -8.46 -35.59 19.33
C ILE A 2 -6.97 -35.28 19.52
N CYS A 3 -6.46 -34.29 18.80
CA CYS A 3 -5.14 -33.74 19.06
C CYS A 3 -5.08 -32.99 20.39
N LYS A 4 -4.07 -33.31 21.20
CA LYS A 4 -4.05 -32.94 22.61
C LYS A 4 -2.85 -32.06 22.93
N SER A 5 -2.14 -31.63 21.89
CA SER A 5 -0.82 -31.02 22.05
C SER A 5 -0.90 -29.56 22.47
N SER A 6 0.14 -29.09 23.15
CA SER A 6 0.37 -27.67 23.38
C SER A 6 -0.19 -26.79 22.26
N ASP A 7 0.27 -27.07 21.04
CA ASP A 7 0.04 -26.18 19.91
C ASP A 7 -1.41 -26.28 19.46
N CYS A 8 -1.99 -27.47 19.57
CA CYS A 8 -3.40 -27.66 19.28
C CYS A 8 -4.30 -26.93 20.27
N ILE A 9 -3.92 -26.94 21.55
CA ILE A 9 -4.69 -26.21 22.54
C ILE A 9 -4.75 -24.72 22.19
N LYS A 10 -3.59 -24.13 21.88
CA LYS A 10 -3.52 -22.71 21.55
C LYS A 10 -4.39 -22.39 20.35
N SER A 11 -4.24 -23.20 19.30
CA SER A 11 -5.02 -23.00 18.08
C SER A 11 -6.51 -23.06 18.42
N ALA A 12 -6.92 -24.13 19.09
CA ALA A 12 -8.34 -24.35 19.34
C ALA A 12 -8.91 -23.18 20.11
N ALA A 13 -8.14 -22.70 21.09
CA ALA A 13 -8.64 -21.69 22.01
C ALA A 13 -8.84 -20.38 21.28
N ARG A 14 -7.92 -20.09 20.36
CA ARG A 14 -8.08 -18.92 19.52
C ARG A 14 -9.31 -19.04 18.63
N LEU A 15 -9.50 -20.20 17.99
CA LEU A 15 -10.66 -20.40 17.14
C LEU A 15 -11.98 -20.28 17.91
N ILE A 16 -12.07 -21.01 19.02
CA ILE A 16 -13.25 -20.94 19.87
C ILE A 16 -13.56 -19.50 20.28
N GLN A 17 -12.55 -18.80 20.78
CA GLN A 17 -12.79 -17.48 21.36
C GLN A 17 -13.24 -16.47 20.31
N ASN A 18 -12.84 -16.66 19.06
CA ASN A 18 -13.16 -15.71 18.00
C ASN A 18 -14.61 -15.87 17.49
N MET A 19 -15.11 -17.11 17.53
CA MET A 19 -16.29 -17.47 16.77
C MET A 19 -17.56 -17.27 17.60
N ASP A 20 -18.71 -17.18 16.94
CA ASP A 20 -19.99 -17.18 17.63
C ASP A 20 -20.88 -18.28 17.07
N ALA A 21 -20.91 -19.41 17.76
CA ALA A 21 -21.56 -20.61 17.24
C ALA A 21 -23.09 -20.52 17.37
N THR A 22 -23.60 -19.48 18.01
CA THR A 22 -25.05 -19.26 18.05
C THR A 22 -25.55 -18.66 16.73
N THR A 23 -24.62 -18.29 15.86
CA THR A 23 -24.98 -17.82 14.53
C THR A 23 -24.92 -18.97 13.54
N GLU A 24 -25.92 -19.07 12.68
CA GLU A 24 -25.91 -20.03 11.57
C GLU A 24 -24.84 -19.68 10.54
N PRO A 25 -23.86 -20.57 10.38
CA PRO A 25 -22.78 -20.37 9.42
C PRO A 25 -23.29 -20.01 8.03
N CYS A 26 -24.50 -20.47 7.72
CA CYS A 26 -25.01 -20.40 6.36
C CYS A 26 -25.79 -19.11 6.14
N THR A 27 -26.03 -18.38 7.23
CA THR A 27 -26.68 -17.08 7.16
C THR A 27 -25.67 -15.94 7.14
N ASP A 28 -24.61 -16.07 7.94
CA ASP A 28 -23.56 -15.06 8.01
C ASP A 28 -22.28 -15.68 8.57
N PHE A 29 -21.41 -16.15 7.68
CA PHE A 29 -20.23 -16.87 8.14
C PHE A 29 -19.22 -15.96 8.83
N PHE A 30 -19.22 -14.68 8.48
CA PHE A 30 -18.36 -13.72 9.14
C PHE A 30 -18.71 -13.60 10.63
N LYS A 31 -20.01 -13.50 10.90
CA LYS A 31 -20.51 -13.38 12.26
C LYS A 31 -20.30 -14.68 13.01
N TYR A 32 -20.53 -15.80 12.33
CA TYR A 32 -20.18 -17.11 12.85
C TYR A 32 -18.71 -17.22 13.22
N ALA A 33 -17.84 -16.77 12.30
CA ALA A 33 -16.41 -16.96 12.45
C ALA A 33 -15.83 -15.95 13.45
N CYS A 34 -16.46 -14.79 13.55
CA CYS A 34 -15.82 -13.63 14.18
C CYS A 34 -16.66 -12.95 15.24
N GLY A 35 -17.86 -13.44 15.49
CA GLY A 35 -18.81 -12.76 16.35
C GLY A 35 -18.30 -12.63 17.78
N GLY A 36 -17.52 -13.61 18.21
CA GLY A 36 -16.89 -13.57 19.52
C GLY A 36 -15.85 -12.48 19.65
N TRP A 37 -15.00 -12.34 18.63
CA TRP A 37 -14.07 -11.23 18.59
C TRP A 37 -14.81 -9.90 18.65
N LEU A 38 -15.87 -9.80 17.86
CA LEU A 38 -16.60 -8.54 17.70
C LEU A 38 -17.26 -8.10 19.00
N LYS A 39 -17.69 -9.04 19.83
CA LYS A 39 -18.32 -8.69 21.12
C LYS A 39 -17.29 -8.14 22.11
N ARG A 40 -16.07 -8.67 22.07
CA ARG A 40 -15.11 -8.48 23.16
C ARG A 40 -14.18 -7.30 22.91
N ASN A 41 -14.10 -6.84 21.66
CA ASN A 41 -13.10 -5.86 21.27
C ASN A 41 -13.71 -4.54 20.81
N VAL A 42 -13.14 -3.44 21.29
CA VAL A 42 -13.39 -2.13 20.70
C VAL A 42 -12.13 -1.67 19.96
N ILE A 43 -12.31 -0.83 18.94
CA ILE A 43 -11.15 -0.27 18.24
C ILE A 43 -10.43 0.75 19.13
N PRO A 44 -9.13 0.55 19.34
CA PRO A 44 -8.33 1.50 20.12
C PRO A 44 -8.40 2.89 19.54
N GLU A 45 -8.19 3.90 20.38
CA GLU A 45 -8.30 5.29 19.98
C GLU A 45 -7.28 5.66 18.92
N THR A 46 -6.19 4.90 18.87
CA THR A 46 -5.12 5.17 17.92
C THR A 46 -5.29 4.33 16.66
N SER A 47 -6.37 3.54 16.59
CA SER A 47 -6.57 2.66 15.43
C SER A 47 -7.76 3.13 14.58
N SER A 48 -7.55 3.10 13.25
CA SER A 48 -8.64 3.37 12.32
C SER A 48 -9.31 2.07 11.90
N ARG A 49 -8.57 0.97 12.03
CA ARG A 49 -9.08 -0.36 11.77
C ARG A 49 -8.44 -1.28 12.80
N TYR A 50 -9.15 -2.33 13.19
CA TYR A 50 -8.62 -3.25 14.19
C TYR A 50 -9.16 -4.65 13.97
N GLY A 51 -8.34 -5.65 14.33
CA GLY A 51 -8.67 -7.02 14.02
C GLY A 51 -7.45 -7.91 14.06
N ASN A 52 -7.66 -9.21 13.80
CA ASN A 52 -6.60 -10.18 13.97
C ASN A 52 -5.37 -9.73 13.15
N PHE A 53 -5.62 -9.17 11.96
CA PHE A 53 -4.54 -8.75 11.10
C PHE A 53 -3.75 -7.57 11.68
N ASP A 54 -4.46 -6.55 12.14
CA ASP A 54 -3.80 -5.37 12.72
C ASP A 54 -3.13 -5.68 14.07
N ILE A 55 -3.62 -6.68 14.76
CA ILE A 55 -3.01 -7.10 16.01
C ILE A 55 -1.62 -7.70 15.77
N LEU A 56 -1.49 -8.47 14.69
CA LEU A 56 -0.19 -9.01 14.28
C LEU A 56 0.82 -7.90 14.01
N ARG A 57 0.34 -6.79 13.45
CA ARG A 57 1.22 -5.65 13.19
C ARG A 57 1.62 -4.93 14.47
N ASP A 58 0.67 -4.74 15.39
CA ASP A 58 1.00 -4.23 16.73
C ASP A 58 2.05 -5.12 17.42
N GLU A 59 1.88 -6.44 17.28
CA GLU A 59 2.76 -7.38 17.97
C GLU A 59 4.15 -7.39 17.35
N LEU A 60 4.20 -7.13 16.04
CA LEU A 60 5.47 -7.05 15.33
C LEU A 60 6.22 -5.80 15.77
N GLU A 61 5.48 -4.72 15.99
CA GLU A 61 6.08 -3.48 16.50
C GLU A 61 6.79 -3.68 17.84
N VAL A 62 6.23 -4.52 18.72
CA VAL A 62 6.84 -4.83 20.01
C VAL A 62 8.20 -5.48 19.81
N VAL A 63 8.27 -6.39 18.84
CA VAL A 63 9.52 -7.04 18.50
C VAL A 63 10.55 -6.01 18.03
N LEU A 64 10.09 -5.07 17.20
CA LEU A 64 11.00 -4.08 16.63
C LEU A 64 11.56 -3.19 17.73
N LYS A 65 10.69 -2.82 18.67
CA LYS A 65 11.09 -2.08 19.86
C LYS A 65 12.18 -2.83 20.65
N ASP A 66 11.99 -4.12 20.87
CA ASP A 66 12.93 -4.88 21.67
C ASP A 66 14.31 -4.87 21.01
N VAL A 67 14.35 -5.05 19.70
CA VAL A 67 15.62 -5.22 19.01
C VAL A 67 16.29 -3.88 18.68
N LEU A 68 15.53 -2.79 18.74
CA LEU A 68 16.10 -1.48 18.42
C LEU A 68 16.54 -0.65 19.63
N GLN A 69 16.07 -0.97 20.83
CA GLN A 69 16.10 0.03 21.91
C GLN A 69 17.35 -0.07 22.79
N GLU A 70 18.06 -1.18 22.67
CA GLU A 70 19.30 -1.40 23.42
C GLU A 70 20.47 -1.54 22.45
N PRO A 71 21.42 -0.62 22.53
CA PRO A 71 22.73 -0.80 21.91
C PRO A 71 23.38 -2.11 22.35
N LYS A 72 23.87 -2.88 21.38
CA LYS A 72 24.78 -3.98 21.66
C LYS A 72 26.17 -3.65 21.13
N THR A 73 27.18 -4.34 21.66
CA THR A 73 28.57 -4.00 21.39
C THR A 73 29.04 -4.65 20.10
N GLU A 74 28.38 -5.74 19.70
CA GLU A 74 28.75 -6.45 18.49
C GLU A 74 28.10 -5.84 17.24
N ASP A 75 27.27 -4.83 17.44
CA ASP A 75 26.36 -4.35 16.40
C ASP A 75 27.14 -3.77 15.21
N ILE A 76 26.89 -4.30 14.02
CA ILE A 76 27.52 -3.74 12.81
C ILE A 76 26.94 -2.37 12.51
N VAL A 77 27.64 -1.60 11.67
CA VAL A 77 27.33 -0.18 11.53
C VAL A 77 25.88 0.01 11.06
N ALA A 78 25.44 -0.86 10.16
CA ALA A 78 24.09 -0.76 9.61
C ALA A 78 23.05 -0.83 10.74
N VAL A 79 23.33 -1.63 11.75
CA VAL A 79 22.44 -1.78 12.89
C VAL A 79 22.61 -0.61 13.84
N GLN A 80 23.86 -0.18 14.04
CA GLN A 80 24.11 1.05 14.78
C GLN A 80 23.28 2.20 14.23
N LYS A 81 23.14 2.23 12.92
CA LYS A 81 22.49 3.36 12.25
C LYS A 81 20.96 3.30 12.46
N ALA A 82 20.38 2.11 12.39
CA ALA A 82 18.95 1.97 12.65
C ALA A 82 18.65 2.37 14.10
N LYS A 83 19.52 1.95 15.01
CA LYS A 83 19.32 2.24 16.42
C LYS A 83 19.45 3.73 16.70
N ALA A 84 20.45 4.39 16.12
CA ALA A 84 20.58 5.82 16.31
C ALA A 84 19.39 6.58 15.72
N LEU A 85 18.80 6.04 14.66
CA LEU A 85 17.67 6.70 14.01
C LEU A 85 16.44 6.57 14.90
N TYR A 86 16.21 5.35 15.40
CA TYR A 86 15.21 5.09 16.43
C TYR A 86 15.35 6.06 17.61
N ARG A 87 16.57 6.18 18.13
CA ARG A 87 16.78 7.05 19.28
C ARG A 87 16.47 8.51 18.97
N SER A 88 16.87 9.01 17.80
CA SER A 88 16.60 10.41 17.46
C SER A 88 15.09 10.65 17.42
N CYS A 89 14.36 9.61 17.03
CA CYS A 89 12.95 9.74 16.73
C CYS A 89 12.15 9.73 18.02
N ILE A 90 12.58 8.91 18.98
CA ILE A 90 11.82 8.79 20.21
C ILE A 90 12.15 9.90 21.22
N ASN A 91 13.18 10.70 20.95
CA ASN A 91 13.53 11.79 21.86
C ASN A 91 12.65 13.03 21.68
N GLU A 92 11.48 13.00 22.30
CA GLU A 92 10.50 14.07 22.15
C GLU A 92 11.04 15.39 22.73
N SER A 93 11.85 15.28 23.78
CA SER A 93 12.32 16.46 24.46
C SER A 93 13.22 17.25 23.51
N ALA A 94 14.19 16.57 22.92
CA ALA A 94 15.01 17.15 21.86
C ALA A 94 14.15 17.79 20.76
N ILE A 95 13.13 17.06 20.31
CA ILE A 95 12.29 17.54 19.21
C ILE A 95 11.43 18.75 19.61
N ASP A 96 10.84 18.69 20.79
CA ASP A 96 10.01 19.80 21.26
C ASP A 96 10.83 21.09 21.44
N SER A 97 12.10 20.96 21.81
CA SER A 97 12.91 22.15 22.05
C SER A 97 13.31 22.84 20.73
N ARG A 98 13.12 22.16 19.61
CA ARG A 98 13.50 22.71 18.32
C ARG A 98 12.36 23.51 17.68
N GLY A 99 11.18 23.44 18.30
CA GLY A 99 10.01 24.10 17.76
C GLY A 99 9.75 23.72 16.31
N GLY A 100 9.59 24.73 15.46
CA GLY A 100 9.45 24.51 14.03
C GLY A 100 10.71 24.92 13.27
N GLU A 101 11.76 25.25 14.01
CA GLU A 101 12.93 25.86 13.41
C GLU A 101 13.48 25.04 12.26
N PRO A 102 13.49 23.72 12.41
CA PRO A 102 13.95 22.84 11.34
C PRO A 102 13.13 22.98 10.05
N LEU A 103 11.82 23.18 10.17
CA LEU A 103 11.00 23.52 9.01
C LEU A 103 11.35 24.90 8.47
N LEU A 104 11.42 25.88 9.36
CA LEU A 104 11.65 27.26 8.96
C LEU A 104 12.91 27.36 8.12
N LYS A 105 13.96 26.67 8.56
CA LYS A 105 15.24 26.72 7.87
C LYS A 105 15.20 25.93 6.56
N LEU A 106 14.21 25.06 6.41
CA LEU A 106 14.05 24.27 5.20
C LEU A 106 13.30 25.03 4.11
N LEU A 107 12.41 25.92 4.53
CA LEU A 107 11.37 26.45 3.65
C LEU A 107 11.96 27.18 2.43
N PRO A 108 12.97 28.01 2.66
CA PRO A 108 13.67 28.70 1.57
C PRO A 108 14.10 27.76 0.45
N ASP A 109 14.45 26.53 0.80
CA ASP A 109 15.07 25.62 -0.15
C ASP A 109 14.04 24.96 -1.05
N ILE A 110 12.77 25.25 -0.82
CA ILE A 110 11.71 24.81 -1.71
C ILE A 110 10.93 25.99 -2.29
N TYR A 111 11.52 27.18 -2.22
CA TYR A 111 10.92 28.36 -2.83
C TYR A 111 9.79 28.92 -1.97
N GLY A 112 9.80 28.56 -0.69
CA GLY A 112 9.05 29.30 0.32
C GLY A 112 7.67 28.70 0.55
N TRP A 113 6.96 29.23 1.55
CA TRP A 113 5.51 29.13 1.60
C TRP A 113 4.91 30.52 1.69
N PRO A 114 4.42 31.02 0.55
CA PRO A 114 4.07 32.44 0.39
C PRO A 114 3.08 32.96 1.44
N VAL A 115 2.07 32.18 1.80
CA VAL A 115 1.14 32.59 2.86
C VAL A 115 1.85 32.84 4.17
N ALA A 116 3.03 32.24 4.33
CA ALA A 116 3.74 32.30 5.60
C ALA A 116 4.95 33.21 5.48
N THR A 117 5.07 33.88 4.33
CA THR A 117 6.15 34.84 4.15
C THR A 117 5.62 36.26 3.96
N GLU A 118 6.53 37.23 4.05
CA GLU A 118 6.31 38.55 3.50
C GLU A 118 6.85 38.65 2.08
N ASN A 119 6.15 39.39 1.24
CA ASN A 119 6.70 39.89 -0.02
C ASN A 119 7.24 38.77 -0.90
N TRP A 120 6.51 37.66 -0.94
CA TRP A 120 7.03 36.42 -1.50
C TRP A 120 7.39 36.58 -2.97
N GLU A 121 6.59 37.35 -3.69
CA GLU A 121 6.76 37.52 -5.14
C GLU A 121 8.10 38.16 -5.46
N GLN A 122 8.52 39.11 -4.65
CA GLN A 122 9.75 39.85 -4.90
C GLN A 122 10.98 39.03 -4.50
N LYS A 123 10.87 38.30 -3.39
CA LYS A 123 11.93 37.38 -2.97
C LYS A 123 12.31 36.40 -4.08
N TYR A 124 11.31 35.82 -4.72
CA TYR A 124 11.54 34.68 -5.60
C TYR A 124 11.25 35.06 -7.06
N GLY A 125 11.07 36.36 -7.29
CA GLY A 125 10.89 36.88 -8.64
C GLY A 125 12.01 36.46 -9.57
N ALA A 126 13.24 36.48 -9.07
CA ALA A 126 14.41 36.23 -9.90
C ALA A 126 14.51 34.75 -10.22
N SER A 127 14.05 33.91 -9.29
CA SER A 127 14.42 32.49 -9.27
C SER A 127 13.28 31.58 -9.70
N TRP A 128 12.04 31.91 -9.31
CA TRP A 128 10.94 30.97 -9.36
C TRP A 128 10.52 30.65 -10.79
N THR A 129 10.42 29.37 -11.10
CA THR A 129 9.50 28.88 -12.12
C THR A 129 8.84 27.58 -11.67
N ALA A 130 7.71 27.27 -12.30
CA ALA A 130 7.00 26.02 -12.03
C ALA A 130 7.91 24.82 -12.28
N GLU A 131 8.67 24.90 -13.37
CA GLU A 131 9.65 23.88 -13.71
C GLU A 131 10.61 23.61 -12.55
N LYS A 132 11.15 24.68 -11.98
CA LYS A 132 12.20 24.57 -10.97
C LYS A 132 11.61 24.20 -9.61
N ALA A 133 10.44 24.74 -9.31
CA ALA A 133 9.84 24.58 -7.99
C ALA A 133 9.29 23.16 -7.84
N ILE A 134 8.62 22.67 -8.88
CA ILE A 134 8.15 21.29 -8.89
C ILE A 134 9.34 20.33 -8.79
N ALA A 135 10.41 20.67 -9.49
CA ALA A 135 11.57 19.79 -9.62
C ALA A 135 12.37 19.67 -8.32
N GLN A 136 12.47 20.74 -7.56
CA GLN A 136 13.17 20.69 -6.28
C GLN A 136 12.41 19.82 -5.28
N LEU A 137 11.08 19.99 -5.23
CA LEU A 137 10.27 19.23 -4.30
C LEU A 137 10.38 17.75 -4.65
N ASN A 138 10.36 17.47 -5.94
CA ASN A 138 10.41 16.11 -6.46
C ASN A 138 11.76 15.44 -6.16
N SER A 139 12.85 16.16 -6.43
CA SER A 139 14.14 15.50 -6.66
C SER A 139 14.98 15.45 -5.38
N LYS A 140 14.79 16.44 -4.51
CA LYS A 140 15.51 16.45 -3.25
C LYS A 140 14.67 15.89 -2.09
N TYR A 141 13.34 15.97 -2.22
CA TYR A 141 12.47 15.73 -1.07
C TYR A 141 11.39 14.69 -1.39
N GLY A 142 11.31 14.27 -2.64
CA GLY A 142 10.46 13.17 -3.03
C GLY A 142 8.97 13.50 -2.93
N LYS A 143 8.64 14.78 -2.83
CA LYS A 143 7.25 15.23 -2.88
C LYS A 143 6.84 15.55 -4.31
N LYS A 144 5.83 14.81 -4.79
CA LYS A 144 5.36 14.94 -6.17
C LYS A 144 4.11 15.81 -6.24
N VAL A 145 4.24 17.03 -6.75
CA VAL A 145 3.13 17.96 -6.80
C VAL A 145 2.89 18.42 -8.22
N LEU A 146 1.62 18.64 -8.54
CA LEU A 146 1.16 19.12 -9.86
C LEU A 146 1.40 18.08 -10.95
N ILE A 147 2.66 17.70 -11.15
CA ILE A 147 3.04 16.71 -12.16
C ILE A 147 4.02 15.72 -11.55
N ASN A 148 3.69 14.43 -11.56
CA ASN A 148 4.59 13.42 -11.02
C ASN A 148 5.51 12.85 -12.09
N LEU A 149 6.77 13.27 -12.04
CA LEU A 149 7.84 12.62 -12.81
C LEU A 149 8.59 11.64 -11.91
N PHE A 150 8.72 10.39 -12.36
CA PHE A 150 9.47 9.39 -11.60
C PHE A 150 10.13 8.35 -12.50
N VAL A 151 11.35 7.98 -12.14
CA VAL A 151 11.99 6.80 -12.70
C VAL A 151 11.38 5.53 -12.11
N GLY A 152 10.91 4.66 -13.00
CA GLY A 152 10.54 3.32 -12.59
C GLY A 152 10.90 2.30 -13.65
N THR A 153 10.45 1.07 -13.43
CA THR A 153 10.63 -0.01 -14.38
C THR A 153 9.79 0.24 -15.63
N ASP A 154 10.32 -0.15 -16.79
CA ASP A 154 9.59 -0.06 -18.05
C ASP A 154 8.64 -1.24 -18.18
N ASP A 155 7.34 -0.96 -18.24
CA ASP A 155 6.35 -2.03 -18.24
C ASP A 155 6.56 -2.96 -19.42
N LYS A 156 7.09 -2.43 -20.51
CA LYS A 156 7.23 -3.20 -21.75
C LYS A 156 8.67 -3.68 -21.93
N ASN A 157 9.53 -3.33 -20.98
CA ASN A 157 10.87 -3.89 -20.93
C ASN A 157 11.39 -4.00 -19.50
N SER A 158 11.04 -5.10 -18.85
CA SER A 158 11.08 -5.16 -17.39
C SER A 158 12.51 -5.11 -16.85
N VAL A 159 13.49 -5.19 -17.75
CA VAL A 159 14.90 -5.17 -17.33
C VAL A 159 15.48 -3.75 -17.33
N ASN A 160 14.70 -2.77 -17.77
CA ASN A 160 15.17 -1.39 -17.84
C ASN A 160 14.31 -0.41 -17.07
N HIS A 161 14.85 0.79 -16.85
CA HIS A 161 14.10 1.87 -16.23
C HIS A 161 13.80 2.98 -17.23
N VAL A 162 12.60 3.56 -17.13
CA VAL A 162 12.24 4.74 -17.91
C VAL A 162 11.79 5.86 -17.00
N ILE A 163 11.79 7.09 -17.51
CA ILE A 163 11.07 8.19 -16.89
C ILE A 163 9.56 8.05 -17.10
N HIS A 164 8.81 8.20 -16.02
CA HIS A 164 7.35 8.18 -16.04
C HIS A 164 6.82 9.59 -15.83
N ILE A 165 5.68 9.91 -16.43
CA ILE A 165 4.88 11.07 -16.03
C ILE A 165 3.47 10.63 -15.65
N ASP A 166 2.99 11.10 -14.51
CA ASP A 166 1.66 10.70 -14.03
C ASP A 166 1.03 11.82 -13.23
N GLN A 167 -0.27 11.70 -12.99
CA GLN A 167 -0.96 12.62 -12.09
C GLN A 167 -0.48 12.41 -10.67
N PRO A 168 -0.49 13.48 -9.87
CA PRO A 168 -0.03 13.40 -8.48
C PRO A 168 -1.11 12.87 -7.56
N ARG A 169 -0.71 12.39 -6.39
CA ARG A 169 -1.61 12.16 -5.27
C ARG A 169 -2.15 13.47 -4.72
N LEU A 170 -3.30 13.40 -4.04
CA LEU A 170 -3.90 14.59 -3.44
C LEU A 170 -3.73 14.62 -1.93
N GLY A 171 -3.95 15.79 -1.34
CA GLY A 171 -3.93 15.95 0.11
C GLY A 171 -5.00 15.15 0.83
N LEU A 172 -6.17 15.01 0.20
CA LEU A 172 -7.24 14.19 0.74
C LEU A 172 -7.14 12.80 0.15
N PRO A 173 -7.71 11.80 0.81
CA PRO A 173 -7.42 10.40 0.46
C PRO A 173 -7.83 10.02 -0.98
N SER A 174 -8.88 10.63 -1.51
CA SER A 174 -9.27 10.37 -2.90
C SER A 174 -9.93 11.58 -3.55
N ARG A 175 -10.15 11.50 -4.86
CA ARG A 175 -10.69 12.63 -5.59
C ARG A 175 -12.13 12.93 -5.14
N ASP A 176 -12.80 11.91 -4.62
CA ASP A 176 -14.19 12.06 -4.20
C ASP A 176 -14.32 13.06 -3.07
N TYR A 177 -13.29 13.18 -2.24
CA TYR A 177 -13.39 14.00 -1.04
C TYR A 177 -13.66 15.45 -1.41
N TYR A 178 -13.22 15.85 -2.60
CA TYR A 178 -13.23 17.25 -2.98
C TYR A 178 -14.61 17.75 -3.42
N GLU A 179 -15.60 16.85 -3.37
CA GLU A 179 -17.00 17.26 -3.34
C GLU A 179 -17.33 18.07 -2.08
N CYS A 180 -16.71 17.70 -0.96
CA CYS A 180 -16.74 18.52 0.24
C CYS A 180 -18.15 18.73 0.77
N THR A 181 -19.06 17.82 0.42
CA THR A 181 -20.38 17.79 1.04
C THR A 181 -20.59 16.49 1.80
N GLY A 182 -21.60 16.49 2.66
CA GLY A 182 -22.05 15.27 3.32
C GLY A 182 -20.92 14.57 4.03
N ILE A 183 -20.67 13.31 3.68
CA ILE A 183 -19.71 12.50 4.41
C ILE A 183 -18.29 13.05 4.24
N TYR A 184 -18.13 14.06 3.39
CA TYR A 184 -16.81 14.61 3.08
C TYR A 184 -16.63 16.01 3.61
N LYS A 185 -17.69 16.59 4.17
CA LYS A 185 -17.67 18.00 4.57
C LYS A 185 -16.66 18.24 5.68
N GLU A 186 -16.71 17.46 6.76
CA GLU A 186 -15.81 17.67 7.88
C GLU A 186 -14.35 17.57 7.43
N ALA A 187 -14.03 16.57 6.62
CA ALA A 187 -12.67 16.38 6.14
C ALA A 187 -12.17 17.63 5.42
N CYS A 188 -13.03 18.20 4.58
CA CYS A 188 -12.66 19.36 3.81
C CYS A 188 -12.50 20.56 4.73
N THR A 189 -13.45 20.75 5.64
CA THR A 189 -13.33 21.81 6.65
C THR A 189 -12.04 21.62 7.47
N ALA A 190 -11.81 20.41 7.96
CA ALA A 190 -10.63 20.16 8.78
C ALA A 190 -9.34 20.35 7.97
N TYR A 191 -9.36 19.92 6.71
CA TYR A 191 -8.21 20.07 5.83
C TYR A 191 -7.80 21.53 5.75
N VAL A 192 -8.75 22.40 5.46
CA VAL A 192 -8.44 23.79 5.18
C VAL A 192 -8.08 24.52 6.48
N ASP A 193 -8.79 24.20 7.55
CA ASP A 193 -8.42 24.66 8.89
C ASP A 193 -7.01 24.25 9.27
N PHE A 194 -6.64 23.03 8.90
CA PHE A 194 -5.29 22.50 9.10
C PHE A 194 -4.27 23.40 8.40
N MET A 195 -4.46 23.69 7.12
CA MET A 195 -3.60 24.62 6.41
C MET A 195 -3.45 25.91 7.21
N ILE A 196 -4.59 26.46 7.63
CA ILE A 196 -4.63 27.76 8.26
C ILE A 196 -3.84 27.69 9.56
N SER A 197 -4.06 26.62 10.33
CA SER A 197 -3.44 26.51 11.63
C SER A 197 -1.92 26.54 11.49
N VAL A 198 -1.41 25.85 10.48
CA VAL A 198 0.03 25.70 10.31
C VAL A 198 0.64 27.00 9.76
N ALA A 199 -0.03 27.62 8.81
CA ALA A 199 0.38 28.93 8.31
C ALA A 199 0.48 29.92 9.46
N ARG A 200 -0.46 29.83 10.39
CA ARG A 200 -0.48 30.72 11.54
C ARG A 200 0.73 30.50 12.43
N LEU A 201 1.02 29.23 12.70
CA LEU A 201 2.10 28.89 13.63
C LEU A 201 3.44 29.35 13.09
N ILE A 202 3.64 29.16 11.79
CA ILE A 202 4.88 29.55 11.14
C ILE A 202 5.04 31.07 11.21
N ARG A 203 3.95 31.79 10.98
CA ARG A 203 3.95 33.24 11.06
C ARG A 203 4.27 33.71 12.46
N GLN A 204 3.62 33.10 13.45
CA GLN A 204 3.84 33.45 14.84
C GLN A 204 5.29 33.19 15.24
N GLU A 205 5.85 32.11 14.73
CA GLU A 205 7.23 31.75 15.06
C GLU A 205 8.21 32.70 14.36
N GLU A 206 7.88 33.14 13.15
CA GLU A 206 8.63 34.17 12.45
C GLU A 206 8.32 35.55 12.99
N ARG A 207 7.37 35.63 13.93
CA ARG A 207 6.94 36.90 14.51
C ARG A 207 6.36 37.83 13.44
N LEU A 208 5.60 37.28 12.51
CA LEU A 208 4.89 38.08 11.52
C LEU A 208 3.47 38.38 11.99
N PRO A 209 2.87 39.42 11.41
CA PRO A 209 1.48 39.79 11.71
C PRO A 209 0.48 38.79 11.14
N ILE A 210 -0.57 38.51 11.91
CA ILE A 210 -1.55 37.51 11.53
C ILE A 210 -2.87 38.18 11.14
N ASP A 211 -3.25 37.99 9.88
CA ASP A 211 -4.51 38.46 9.36
C ASP A 211 -5.37 37.26 9.00
N GLU A 212 -6.33 36.93 9.86
CA GLU A 212 -7.09 35.69 9.72
C GLU A 212 -7.84 35.67 8.39
N ASN A 213 -8.23 36.85 7.92
CA ASN A 213 -8.95 36.98 6.65
C ASN A 213 -8.08 36.60 5.46
N GLN A 214 -6.85 37.10 5.47
CA GLN A 214 -5.87 36.79 4.43
C GLN A 214 -5.50 35.31 4.45
N LEU A 215 -5.31 34.76 5.65
CA LEU A 215 -5.04 33.34 5.80
C LEU A 215 -6.14 32.51 5.13
N ALA A 216 -7.39 32.77 5.52
CA ALA A 216 -8.53 32.04 4.96
C ALA A 216 -8.59 32.23 3.45
N LEU A 217 -8.32 33.44 2.99
CA LEU A 217 -8.47 33.75 1.57
C LEU A 217 -7.46 32.98 0.75
N GLU A 218 -6.24 32.84 1.27
CA GLU A 218 -5.14 32.23 0.53
C GLU A 218 -5.26 30.70 0.58
N MET A 219 -5.72 30.17 1.70
CA MET A 219 -5.86 28.73 1.84
C MET A 219 -7.14 28.21 1.18
N ASN A 220 -8.21 29.00 1.19
CA ASN A 220 -9.39 28.65 0.40
C ASN A 220 -9.06 28.61 -1.09
N LYS A 221 -8.26 29.57 -1.54
CA LYS A 221 -7.76 29.56 -2.90
C LYS A 221 -6.92 28.30 -3.16
N VAL A 222 -6.15 27.86 -2.18
CA VAL A 222 -5.39 26.63 -2.32
C VAL A 222 -6.35 25.47 -2.56
N MET A 223 -7.43 25.43 -1.80
CA MET A 223 -8.40 24.35 -1.88
C MET A 223 -9.10 24.33 -3.22
N GLU A 224 -9.40 25.53 -3.74
CA GLU A 224 -10.10 25.64 -5.02
C GLU A 224 -9.20 25.11 -6.13
N LEU A 225 -7.93 25.49 -6.09
CA LEU A 225 -6.92 24.91 -6.97
C LEU A 225 -7.02 23.39 -6.92
N GLU A 226 -6.88 22.83 -5.73
CA GLU A 226 -6.71 21.39 -5.61
C GLU A 226 -8.00 20.70 -5.99
N LYS A 227 -9.13 21.31 -5.63
CA LYS A 227 -10.43 20.81 -6.08
C LYS A 227 -10.41 20.59 -7.58
N GLU A 228 -9.96 21.61 -8.31
CA GLU A 228 -9.88 21.54 -9.77
C GLU A 228 -8.93 20.45 -10.23
N ILE A 229 -7.74 20.39 -9.64
CA ILE A 229 -6.78 19.32 -9.94
C ILE A 229 -7.40 17.96 -9.65
N ALA A 230 -8.12 17.87 -8.55
CA ALA A 230 -8.75 16.61 -8.16
C ALA A 230 -9.74 16.18 -9.22
N ASN A 231 -10.51 17.15 -9.72
CA ASN A 231 -11.52 16.87 -10.72
C ASN A 231 -10.87 16.52 -12.06
N ALA A 232 -9.66 17.02 -12.30
CA ALA A 232 -8.96 16.72 -13.54
C ALA A 232 -8.35 15.31 -13.55
N THR A 233 -8.05 14.76 -12.38
CA THR A 233 -7.40 13.44 -12.31
C THR A 233 -8.30 12.37 -12.88
N ALA A 234 -7.69 11.36 -13.50
CA ALA A 234 -8.42 10.18 -13.94
C ALA A 234 -8.87 9.35 -12.75
N LYS A 235 -10.12 8.87 -12.80
CA LYS A 235 -10.64 7.89 -11.86
C LYS A 235 -9.77 6.63 -11.87
N PRO A 236 -9.74 5.91 -10.76
CA PRO A 236 -9.10 4.58 -10.70
C PRO A 236 -9.73 3.60 -11.69
N GLU A 237 -11.05 3.69 -11.84
CA GLU A 237 -11.79 2.82 -12.76
C GLU A 237 -11.31 2.98 -14.21
N ASP A 238 -10.64 4.09 -14.49
CA ASP A 238 -10.16 4.37 -15.84
C ASP A 238 -8.67 4.09 -15.95
N ARG A 239 -8.08 3.57 -14.88
CA ARG A 239 -6.64 3.37 -14.80
C ARG A 239 -6.32 1.90 -14.57
N ASN A 240 -7.32 1.05 -14.74
CA ASN A 240 -7.19 -0.38 -14.43
C ASN A 240 -6.54 -1.18 -15.57
N ASP A 241 -6.44 -0.58 -16.75
CA ASP A 241 -5.97 -1.29 -17.95
C ASP A 241 -4.56 -0.84 -18.32
N PRO A 242 -3.58 -1.68 -18.05
CA PRO A 242 -2.16 -1.30 -18.15
C PRO A 242 -1.77 -1.01 -19.60
N MET A 243 -2.49 -1.61 -20.55
CA MET A 243 -2.23 -1.35 -21.97
C MET A 243 -2.67 0.05 -22.36
N LEU A 244 -3.78 0.51 -21.78
CA LEU A 244 -4.26 1.85 -22.05
C LEU A 244 -3.42 2.91 -21.32
N LEU A 245 -2.86 2.53 -20.18
CA LEU A 245 -2.08 3.46 -19.36
C LEU A 245 -0.73 3.78 -20.01
N TYR A 246 -0.21 2.82 -20.77
CA TYR A 246 1.17 2.89 -21.27
C TYR A 246 1.22 3.66 -22.58
N ASN A 247 1.55 4.93 -22.51
CA ASN A 247 1.70 5.76 -23.70
C ASN A 247 3.10 6.35 -23.77
N LYS A 248 3.98 5.70 -24.53
CA LYS A 248 5.38 6.10 -24.55
C LYS A 248 5.62 7.11 -25.67
N MET A 249 6.00 8.32 -25.28
CA MET A 249 6.40 9.33 -26.25
C MET A 249 7.75 9.93 -25.87
N THR A 250 8.32 10.71 -26.77
CA THR A 250 9.50 11.50 -26.46
C THR A 250 9.11 12.80 -25.77
N LEU A 251 10.07 13.42 -25.09
CA LEU A 251 9.83 14.71 -24.43
C LEU A 251 9.41 15.79 -25.42
N ALA A 252 9.80 15.60 -26.69
CA ALA A 252 9.32 16.46 -27.77
C ALA A 252 7.83 16.27 -28.03
N GLN A 253 7.44 15.03 -28.33
CA GLN A 253 6.03 14.72 -28.53
C GLN A 253 5.20 15.26 -27.37
N ILE A 254 5.78 15.22 -26.17
CA ILE A 254 5.10 15.70 -24.98
C ILE A 254 5.02 17.22 -24.97
N GLN A 255 6.13 17.87 -25.34
CA GLN A 255 6.18 19.32 -25.36
C GLN A 255 5.06 19.88 -26.22
N ASN A 256 4.67 19.12 -27.24
CA ASN A 256 3.87 19.66 -28.33
C ASN A 256 2.44 19.14 -28.28
N ASN A 257 2.23 18.02 -27.60
CA ASN A 257 0.88 17.49 -27.37
C ASN A 257 0.33 17.87 -26.00
N PHE A 258 1.19 18.33 -25.09
CA PHE A 258 0.79 18.62 -23.71
C PHE A 258 1.43 19.90 -23.19
N SER A 259 1.23 21.00 -23.90
CA SER A 259 1.74 22.30 -23.47
C SER A 259 1.08 22.74 -22.17
N LEU A 260 1.85 23.45 -21.35
CA LEU A 260 1.32 24.20 -20.22
C LEU A 260 1.89 25.61 -20.25
N GLU A 261 1.08 26.57 -19.84
CA GLU A 261 1.58 27.90 -19.57
C GLU A 261 1.30 28.27 -18.12
N ILE A 262 2.35 28.56 -17.38
CA ILE A 262 2.25 28.83 -15.95
C ILE A 262 2.88 30.18 -15.64
N ASN A 263 2.11 31.09 -15.06
CA ASN A 263 2.62 32.40 -14.73
C ASN A 263 3.18 33.11 -15.95
N GLY A 264 2.57 32.84 -17.11
CA GLY A 264 3.11 33.29 -18.39
C GLY A 264 4.48 32.72 -18.69
N LYS A 265 4.53 31.62 -19.43
CA LYS A 265 5.73 30.79 -19.48
C LYS A 265 6.31 30.67 -20.88
N PRO A 266 5.85 29.71 -21.67
CA PRO A 266 5.19 28.50 -21.16
C PRO A 266 6.17 27.44 -20.65
N PHE A 267 5.66 26.23 -20.43
CA PHE A 267 6.31 25.26 -19.56
C PHE A 267 7.26 24.39 -20.38
N SER A 268 8.51 24.31 -19.94
CA SER A 268 9.52 23.56 -20.67
C SER A 268 9.71 22.19 -20.04
N TRP A 269 9.15 21.17 -20.69
CA TRP A 269 9.30 19.80 -20.23
C TRP A 269 10.77 19.37 -20.22
N LEU A 270 11.51 19.75 -21.26
CA LEU A 270 12.95 19.49 -21.29
C LEU A 270 13.61 20.03 -20.03
N ASN A 271 13.26 21.26 -19.70
CA ASN A 271 13.86 21.96 -18.58
C ASN A 271 13.49 21.29 -17.26
N PHE A 272 12.20 21.04 -17.08
CA PHE A 272 11.68 20.31 -15.93
C PHE A 272 12.46 19.01 -15.72
N THR A 273 12.48 18.17 -16.76
CA THR A 273 13.07 16.84 -16.65
C THR A 273 14.55 16.93 -16.28
N ASN A 274 15.20 18.02 -16.68
CA ASN A 274 16.63 18.17 -16.47
C ASN A 274 16.97 18.80 -15.12
N GLU A 275 16.07 19.64 -14.60
CA GLU A 275 16.22 20.18 -13.26
C GLU A 275 16.16 19.06 -12.22
N ILE A 276 15.41 18.02 -12.54
CA ILE A 276 15.30 16.83 -11.68
C ILE A 276 16.53 15.94 -11.85
N MET A 277 16.83 15.55 -13.08
CA MET A 277 17.85 14.55 -13.34
C MET A 277 19.25 15.07 -12.98
N SER A 278 19.40 16.39 -12.95
CA SER A 278 20.70 17.00 -12.72
C SER A 278 21.11 16.91 -11.25
N THR A 279 20.11 16.91 -10.37
CA THR A 279 20.28 16.43 -9.00
C THR A 279 21.33 15.33 -8.94
N VAL A 280 21.36 14.49 -9.97
CA VAL A 280 22.26 13.35 -9.99
C VAL A 280 23.15 13.38 -11.24
N ASN A 281 23.32 14.57 -11.80
CA ASN A 281 24.34 14.80 -12.82
C ASN A 281 24.09 13.92 -14.04
N ILE A 282 22.81 13.77 -14.38
CA ILE A 282 22.43 13.12 -15.62
C ILE A 282 21.73 14.11 -16.55
N SER A 283 21.96 13.96 -17.85
CA SER A 283 21.52 14.94 -18.84
C SER A 283 20.59 14.28 -19.85
N ILE A 284 19.54 15.00 -20.23
CA ILE A 284 18.40 14.41 -20.89
C ILE A 284 18.09 15.14 -22.19
N THR A 285 17.79 14.38 -23.23
CA THR A 285 17.45 14.95 -24.53
C THR A 285 15.95 15.14 -24.67
N ASN A 286 15.55 16.20 -25.35
CA ASN A 286 14.22 16.30 -25.96
C ASN A 286 13.75 15.00 -26.60
N GLU A 287 14.65 14.05 -26.76
CA GLU A 287 14.36 12.83 -27.49
C GLU A 287 14.27 11.64 -26.54
N GLU A 288 14.47 11.91 -25.26
CA GLU A 288 14.24 10.93 -24.18
C GLU A 288 12.84 10.31 -24.25
N ASP A 289 12.77 8.99 -24.15
CA ASP A 289 11.50 8.28 -24.08
C ASP A 289 10.85 8.46 -22.71
N VAL A 290 9.55 8.69 -22.71
CA VAL A 290 8.78 8.86 -21.47
C VAL A 290 7.47 8.09 -21.55
N VAL A 291 7.14 7.38 -20.48
CA VAL A 291 5.85 6.73 -20.35
C VAL A 291 4.88 7.62 -19.58
N VAL A 292 3.91 8.17 -20.30
CA VAL A 292 2.94 9.10 -19.74
C VAL A 292 1.65 8.37 -19.35
N TYR A 293 1.41 8.25 -18.04
CA TYR A 293 0.31 7.45 -17.51
C TYR A 293 -1.01 8.24 -17.52
N ALA A 294 -0.91 9.56 -17.63
CA ALA A 294 -2.06 10.42 -17.38
C ALA A 294 -2.16 11.50 -18.45
N PRO A 295 -2.24 11.07 -19.70
CA PRO A 295 -2.45 11.96 -20.85
C PRO A 295 -3.56 12.99 -20.64
N GLU A 296 -4.77 12.51 -20.36
CA GLU A 296 -5.93 13.39 -20.29
C GLU A 296 -5.80 14.35 -19.13
N TYR A 297 -5.06 13.95 -18.09
CA TYR A 297 -4.87 14.81 -16.93
C TYR A 297 -3.98 15.99 -17.28
N LEU A 298 -2.94 15.74 -18.08
CA LEU A 298 -2.06 16.80 -18.52
C LEU A 298 -2.83 17.77 -19.41
N THR A 299 -3.60 17.21 -20.34
CA THR A 299 -4.48 18.00 -21.20
C THR A 299 -5.42 18.87 -20.36
N LYS A 300 -6.03 18.27 -19.34
CA LYS A 300 -7.02 18.99 -18.54
C LYS A 300 -6.37 20.02 -17.62
N LEU A 301 -5.07 19.84 -17.35
CA LEU A 301 -4.31 20.74 -16.48
C LEU A 301 -4.16 22.13 -17.09
N LYS A 302 -4.16 22.18 -18.42
CA LYS A 302 -3.71 23.37 -19.14
C LYS A 302 -4.53 24.60 -18.76
N PRO A 303 -5.85 24.50 -18.93
CA PRO A 303 -6.76 25.61 -18.60
C PRO A 303 -6.88 25.91 -17.10
N ILE A 304 -6.45 24.98 -16.25
CA ILE A 304 -6.54 25.19 -14.81
C ILE A 304 -5.38 26.05 -14.33
N LEU A 305 -4.17 25.62 -14.68
CA LEU A 305 -2.95 26.21 -14.18
C LEU A 305 -2.80 27.67 -14.62
N THR A 306 -3.23 27.97 -15.84
CA THR A 306 -3.12 29.33 -16.38
C THR A 306 -3.83 30.31 -15.47
N LYS A 307 -4.88 29.84 -14.80
CA LYS A 307 -5.81 30.73 -14.12
C LYS A 307 -5.21 31.28 -12.83
N TYR A 308 -4.21 30.58 -12.29
CA TYR A 308 -3.79 30.81 -10.92
C TYR A 308 -2.45 31.52 -10.89
N SER A 309 -2.19 32.24 -9.79
CA SER A 309 -0.91 32.90 -9.61
C SER A 309 0.18 31.93 -9.15
N ALA A 310 1.42 32.24 -9.51
CA ALA A 310 2.60 31.63 -8.89
C ALA A 310 2.40 31.45 -7.39
N ARG A 311 1.91 32.49 -6.75
CA ARG A 311 1.63 32.48 -5.32
C ARG A 311 0.65 31.38 -4.92
N ASP A 312 -0.38 31.18 -5.73
CA ASP A 312 -1.36 30.12 -5.48
C ASP A 312 -0.73 28.74 -5.65
N LEU A 313 0.01 28.56 -6.75
CA LEU A 313 0.60 27.27 -7.08
C LEU A 313 1.54 26.83 -5.96
N GLN A 314 2.39 27.76 -5.52
CA GLN A 314 3.42 27.43 -4.54
C GLN A 314 2.82 27.31 -3.14
N ASN A 315 1.71 28.01 -2.89
CA ASN A 315 0.97 27.81 -1.65
C ASN A 315 0.45 26.36 -1.53
N LEU A 316 -0.07 25.81 -2.63
CA LEU A 316 -0.45 24.40 -2.67
C LEU A 316 0.74 23.47 -2.61
N MET A 317 1.77 23.79 -3.39
CA MET A 317 2.90 22.89 -3.58
C MET A 317 3.69 22.72 -2.28
N SER A 318 3.94 23.82 -1.59
CA SER A 318 4.65 23.76 -0.33
C SER A 318 3.77 23.15 0.77
N TRP A 319 2.48 23.49 0.79
CA TRP A 319 1.55 22.87 1.73
C TRP A 319 1.60 21.34 1.67
N ARG A 320 1.67 20.79 0.46
CA ARG A 320 1.60 19.35 0.30
C ARG A 320 2.83 18.67 0.92
N PHE A 321 3.96 19.37 0.93
CA PHE A 321 5.14 18.88 1.65
C PHE A 321 5.03 19.13 3.15
N ILE A 322 4.62 20.32 3.54
CA ILE A 322 4.58 20.70 4.94
C ILE A 322 3.62 19.81 5.74
N MET A 323 2.45 19.57 5.16
CA MET A 323 1.55 18.51 5.61
C MET A 323 2.24 17.34 6.27
N ASP A 324 3.27 16.84 5.59
CA ASP A 324 3.84 15.52 5.89
C ASP A 324 4.88 15.65 6.99
N LEU A 325 5.24 16.89 7.32
CA LEU A 325 6.42 17.20 8.11
C LEU A 325 6.04 17.63 9.52
N VAL A 326 4.81 18.10 9.68
CA VAL A 326 4.39 18.74 10.92
C VAL A 326 4.46 17.79 12.12
N SER A 327 4.24 16.50 11.89
CA SER A 327 4.18 15.53 13.00
C SER A 327 5.59 15.14 13.44
N SER A 328 6.59 15.59 12.70
CA SER A 328 8.00 15.39 13.06
C SER A 328 8.58 16.63 13.74
N LEU A 329 7.72 17.61 14.00
CA LEU A 329 8.13 18.81 14.71
C LEU A 329 7.62 18.80 16.14
N SER A 330 7.59 19.97 16.77
CA SER A 330 7.27 20.07 18.18
C SER A 330 5.77 19.83 18.40
N ARG A 331 5.41 19.59 19.67
CA ARG A 331 4.04 19.24 20.05
C ARG A 331 3.02 20.17 19.40
N THR A 332 3.24 21.47 19.52
CA THR A 332 2.29 22.44 18.99
C THR A 332 1.99 22.16 17.51
N TYR A 333 3.03 21.85 16.74
CA TYR A 333 2.86 21.51 15.34
C TYR A 333 2.16 20.17 15.17
N LYS A 334 2.58 19.18 15.96
CA LYS A 334 1.91 17.88 15.97
C LYS A 334 0.43 18.06 16.20
N GLU A 335 0.08 18.92 17.15
CA GLU A 335 -1.31 19.12 17.57
C GLU A 335 -2.17 19.62 16.43
N SER A 336 -1.57 20.43 15.54
CA SER A 336 -2.36 21.09 14.50
C SER A 336 -3.01 20.07 13.57
N ARG A 337 -2.55 18.81 13.65
CA ARG A 337 -2.98 17.77 12.71
C ARG A 337 -4.29 17.11 13.16
N ASN A 338 -4.71 17.38 14.38
CA ASN A 338 -5.57 16.44 15.09
C ASN A 338 -6.92 16.25 14.41
N ALA A 339 -7.58 17.35 14.08
CA ALA A 339 -8.92 17.28 13.51
C ALA A 339 -8.87 16.67 12.10
N PHE A 340 -7.80 16.94 11.37
CA PHE A 340 -7.61 16.38 10.03
C PHE A 340 -7.55 14.86 10.09
N ARG A 341 -6.72 14.31 10.98
CA ARG A 341 -6.53 12.87 10.97
C ARG A 341 -7.74 12.14 11.59
N LYS A 342 -8.38 12.74 12.59
CA LYS A 342 -9.67 12.23 13.05
C LYS A 342 -10.68 12.16 11.91
N ALA A 343 -10.75 13.21 11.11
CA ALA A 343 -11.69 13.27 9.99
C ALA A 343 -11.42 12.17 8.95
N LEU A 344 -10.14 11.84 8.75
CA LEU A 344 -9.75 10.87 7.73
C LEU A 344 -9.71 9.44 8.28
N TYR A 345 -9.45 9.30 9.59
CA TYR A 345 -9.04 8.02 10.14
C TYR A 345 -9.87 7.62 11.36
N GLY A 346 -10.52 8.61 11.98
CA GLY A 346 -11.38 8.35 13.12
C GLY A 346 -10.62 8.36 14.44
N THR A 347 -9.29 8.39 14.37
CA THR A 347 -8.46 8.24 15.56
C THR A 347 -8.46 9.52 16.37
N THR A 348 -8.44 9.40 17.70
CA THR A 348 -8.53 10.55 18.59
C THR A 348 -7.21 10.82 19.28
N SER A 349 -6.23 9.98 19.01
CA SER A 349 -4.91 10.15 19.60
C SER A 349 -3.83 9.64 18.66
N GLU A 350 -2.65 10.23 18.73
CA GLU A 350 -1.49 9.71 18.02
C GLU A 350 -1.10 8.35 18.56
N THR A 351 -0.80 7.43 17.63
CA THR A 351 -0.09 6.21 17.93
C THR A 351 1.18 6.45 18.74
N ALA A 352 1.53 5.53 19.63
CA ALA A 352 2.65 5.74 20.54
C ALA A 352 3.94 6.03 19.76
N THR A 353 4.74 6.93 20.32
CA THR A 353 5.91 7.43 19.63
C THR A 353 6.85 6.30 19.26
N TRP A 354 7.08 5.39 20.20
CA TRP A 354 8.00 4.28 19.96
C TRP A 354 7.49 3.37 18.83
N ARG A 355 6.17 3.23 18.69
CA ARG A 355 5.61 2.48 17.56
C ARG A 355 5.78 3.20 16.23
N ARG A 356 5.48 4.50 16.22
CA ARG A 356 5.64 5.30 15.02
C ARG A 356 7.11 5.31 14.62
N CYS A 357 7.98 5.39 15.61
CA CYS A 357 9.42 5.44 15.38
C CYS A 357 9.99 4.11 14.88
N ALA A 358 9.61 3.01 15.52
CA ALA A 358 9.94 1.68 15.04
C ALA A 358 9.49 1.45 13.58
N ASN A 359 8.25 1.84 13.29
CA ASN A 359 7.75 1.74 11.92
C ASN A 359 8.52 2.61 10.95
N TYR A 360 8.90 3.80 11.38
CA TYR A 360 9.62 4.70 10.51
C TYR A 360 11.01 4.14 10.17
N VAL A 361 11.74 3.67 11.18
CA VAL A 361 13.05 3.09 10.94
C VAL A 361 12.97 1.86 10.04
N ASN A 362 11.98 1.00 10.29
CA ASN A 362 11.71 -0.14 9.43
C ASN A 362 11.43 0.27 7.98
N GLY A 363 10.64 1.31 7.80
CA GLY A 363 10.35 1.83 6.48
C GLY A 363 11.56 2.30 5.71
N ASN A 364 12.56 2.83 6.43
CA ASN A 364 13.71 3.46 5.81
C ASN A 364 14.95 2.57 5.79
N MET A 365 14.92 1.49 6.58
CA MET A 365 16.04 0.56 6.66
C MET A 365 15.55 -0.86 6.73
N GLU A 366 14.72 -1.27 5.77
CA GLU A 366 13.93 -2.48 5.94
C GLU A 366 14.81 -3.73 5.94
N ASN A 367 16.00 -3.65 5.37
CA ASN A 367 16.95 -4.76 5.40
C ASN A 367 17.66 -4.89 6.75
N ALA A 368 18.12 -3.77 7.30
CA ALA A 368 18.70 -3.77 8.63
C ALA A 368 17.70 -4.27 9.70
N VAL A 369 16.50 -3.69 9.69
CA VAL A 369 15.46 -4.05 10.66
C VAL A 369 14.97 -5.48 10.41
N GLY A 370 14.85 -5.85 9.14
CA GLY A 370 14.48 -7.21 8.77
C GLY A 370 15.46 -8.21 9.37
N ARG A 371 16.74 -7.90 9.28
CA ARG A 371 17.77 -8.75 9.83
C ARG A 371 17.55 -8.94 11.34
N LEU A 372 17.38 -7.85 12.07
CA LEU A 372 17.18 -7.92 13.51
C LEU A 372 15.93 -8.70 13.83
N TYR A 373 14.89 -8.49 13.03
CA TYR A 373 13.60 -9.11 13.30
C TYR A 373 13.69 -10.62 13.18
N VAL A 374 14.35 -11.12 12.13
CA VAL A 374 14.38 -12.55 11.89
C VAL A 374 15.27 -13.28 12.89
N GLU A 375 16.37 -12.64 13.27
CA GLU A 375 17.22 -13.13 14.35
C GLU A 375 16.43 -13.33 15.65
N ALA A 376 15.49 -12.43 15.93
CA ALA A 376 14.71 -12.49 17.16
C ALA A 376 13.63 -13.56 17.05
N ALA A 377 13.03 -13.69 15.88
CA ALA A 377 11.59 -13.91 15.78
C ALA A 377 11.23 -15.01 14.80
N PHE A 378 12.16 -15.38 13.93
CA PHE A 378 11.80 -16.21 12.77
C PHE A 378 12.65 -17.49 12.64
N ALA A 379 11.97 -18.61 12.42
CA ALA A 379 12.57 -19.93 12.65
C ALA A 379 13.82 -20.13 11.80
N GLY A 380 13.63 -20.40 10.52
CA GLY A 380 14.53 -21.28 9.78
C GLY A 380 13.79 -22.23 8.86
N GLU A 381 13.19 -23.28 9.43
CA GLU A 381 12.60 -24.34 8.63
C GLU A 381 11.14 -24.04 8.27
N SER A 382 10.67 -22.88 8.73
CA SER A 382 9.50 -22.25 8.13
C SER A 382 9.74 -22.05 6.63
N LYS A 383 10.87 -21.44 6.28
CA LYS A 383 11.16 -21.14 4.88
C LYS A 383 10.84 -22.37 4.01
N HIS A 384 11.28 -23.55 4.44
CA HIS A 384 11.24 -24.73 3.59
C HIS A 384 9.83 -25.32 3.48
N VAL A 385 9.06 -25.25 4.56
CA VAL A 385 7.70 -25.76 4.53
C VAL A 385 6.87 -24.89 3.59
N VAL A 386 7.03 -23.57 3.71
CA VAL A 386 6.32 -22.66 2.83
C VAL A 386 6.69 -22.90 1.38
N GLU A 387 7.98 -23.10 1.14
CA GLU A 387 8.50 -23.49 -0.18
C GLU A 387 7.69 -24.66 -0.73
N ASP A 388 7.36 -25.59 0.15
CA ASP A 388 6.58 -26.77 -0.21
C ASP A 388 5.13 -26.41 -0.55
N LEU A 389 4.53 -25.57 0.29
CA LEU A 389 3.16 -25.13 0.04
C LEU A 389 3.07 -24.42 -1.31
N ILE A 390 4.12 -23.69 -1.67
CA ILE A 390 4.10 -22.89 -2.90
C ILE A 390 4.24 -23.76 -4.15
N ALA A 391 5.18 -24.70 -4.14
CA ALA A 391 5.16 -25.82 -5.08
C ALA A 391 3.74 -26.34 -5.28
N GLN A 392 3.06 -26.64 -4.18
CA GLN A 392 1.80 -27.38 -4.22
C GLN A 392 0.71 -26.55 -4.89
N ILE A 393 0.69 -25.26 -4.59
CA ILE A 393 -0.40 -24.40 -5.03
C ILE A 393 -0.14 -23.92 -6.46
N ARG A 394 1.13 -23.76 -6.81
CA ARG A 394 1.51 -23.51 -8.19
C ARG A 394 1.04 -24.66 -9.08
N GLU A 395 1.22 -25.89 -8.61
CA GLU A 395 0.81 -27.07 -9.34
C GLU A 395 -0.71 -27.17 -9.43
N VAL A 396 -1.40 -26.83 -8.35
CA VAL A 396 -2.87 -26.80 -8.37
C VAL A 396 -3.39 -25.76 -9.37
N PHE A 397 -2.76 -24.61 -9.45
CA PHE A 397 -3.18 -23.58 -10.39
C PHE A 397 -3.08 -24.10 -11.82
N ILE A 398 -1.92 -24.63 -12.15
CA ILE A 398 -1.69 -25.28 -13.44
C ILE A 398 -2.74 -26.35 -13.75
N GLN A 399 -2.92 -27.26 -12.80
CA GLN A 399 -3.88 -28.35 -12.95
C GLN A 399 -5.27 -27.83 -13.23
N THR A 400 -5.64 -26.73 -12.56
CA THR A 400 -6.99 -26.21 -12.63
C THR A 400 -7.27 -25.66 -14.03
N LEU A 401 -6.21 -25.38 -14.77
CA LEU A 401 -6.34 -24.83 -16.11
C LEU A 401 -7.19 -25.72 -17.02
N ASP A 402 -7.16 -27.03 -16.79
CA ASP A 402 -7.85 -27.98 -17.66
C ASP A 402 -9.34 -28.01 -17.37
N ASP A 403 -9.73 -27.67 -16.14
CA ASP A 403 -11.14 -27.64 -15.77
C ASP A 403 -11.78 -26.35 -16.23
N LEU A 404 -10.97 -25.40 -16.69
CA LEU A 404 -11.45 -24.03 -16.89
C LEU A 404 -11.91 -23.81 -18.33
N THR A 405 -13.21 -23.65 -18.52
CA THR A 405 -13.82 -23.80 -19.84
C THR A 405 -13.91 -22.49 -20.60
N TRP A 406 -13.48 -21.39 -19.98
CA TRP A 406 -13.63 -20.08 -20.61
C TRP A 406 -12.34 -19.61 -21.26
N MET A 407 -11.34 -20.49 -21.29
CA MET A 407 -10.13 -20.24 -22.06
C MET A 407 -9.93 -21.30 -23.14
N ASP A 408 -9.29 -20.89 -24.24
CA ASP A 408 -8.86 -21.82 -25.26
C ASP A 408 -7.44 -22.32 -24.99
N ALA A 409 -6.93 -23.17 -25.87
CA ALA A 409 -5.87 -24.09 -25.53
C ALA A 409 -4.53 -23.39 -25.59
N GLU A 410 -4.37 -22.47 -26.54
CA GLU A 410 -3.15 -21.70 -26.62
C GLU A 410 -3.03 -20.77 -25.43
N THR A 411 -4.15 -20.22 -24.98
CA THR A 411 -4.12 -19.26 -23.87
C THR A 411 -3.87 -19.99 -22.55
N LYS A 412 -4.54 -21.14 -22.38
CA LYS A 412 -4.29 -22.01 -21.24
C LYS A 412 -2.84 -22.39 -21.10
N LYS A 413 -2.19 -22.70 -22.22
CA LYS A 413 -0.79 -23.14 -22.21
C LYS A 413 0.15 -21.97 -22.00
N ARG A 414 -0.30 -20.79 -22.38
CA ARG A 414 0.43 -19.56 -22.06
C ARG A 414 0.36 -19.27 -20.57
N ALA A 415 -0.79 -19.56 -19.97
CA ALA A 415 -0.99 -19.31 -18.55
C ALA A 415 -0.11 -20.26 -17.74
N GLU A 416 -0.12 -21.53 -18.12
CA GLU A 416 0.83 -22.51 -17.61
C GLU A 416 2.26 -21.97 -17.64
N GLU A 417 2.71 -21.53 -18.81
CA GLU A 417 4.06 -21.01 -18.96
C GLU A 417 4.35 -19.93 -17.91
N LYS A 418 3.43 -18.96 -17.81
CA LYS A 418 3.62 -17.89 -16.84
C LYS A 418 3.67 -18.48 -15.43
N ALA A 419 2.80 -19.44 -15.14
CA ALA A 419 2.75 -20.04 -13.82
C ALA A 419 4.10 -20.63 -13.42
N LEU A 420 4.76 -21.31 -14.37
CA LEU A 420 5.98 -22.06 -14.07
C LEU A 420 7.11 -21.08 -13.84
N ALA A 421 7.00 -19.90 -14.44
CA ALA A 421 8.09 -18.94 -14.42
C ALA A 421 8.05 -18.05 -13.17
N ILE A 422 6.95 -18.11 -12.43
CA ILE A 422 6.80 -17.28 -11.24
C ILE A 422 7.90 -17.59 -10.23
N LYS A 423 8.62 -16.55 -9.82
CA LYS A 423 9.76 -16.69 -8.94
C LYS A 423 9.36 -16.35 -7.50
N GLU A 424 9.54 -17.29 -6.58
CA GLU A 424 9.06 -17.10 -5.21
C GLU A 424 10.14 -16.59 -4.27
N ARG A 425 9.71 -15.87 -3.25
CA ARG A 425 10.62 -15.21 -2.31
C ARG A 425 10.06 -15.34 -0.91
N ILE A 426 10.80 -15.99 -0.02
CA ILE A 426 10.21 -16.53 1.20
C ILE A 426 11.00 -16.07 2.42
N GLY A 427 10.33 -15.34 3.30
CA GLY A 427 10.85 -15.09 4.63
C GLY A 427 11.78 -13.90 4.70
N TYR A 428 12.99 -14.06 4.14
CA TYR A 428 13.97 -12.97 4.08
C TYR A 428 15.10 -13.35 3.12
N PRO A 429 15.83 -12.36 2.63
CA PRO A 429 17.05 -12.60 1.86
C PRO A 429 18.19 -13.00 2.78
N ASP A 430 18.69 -14.22 2.64
CA ASP A 430 19.91 -14.65 3.33
C ASP A 430 20.97 -13.55 3.41
N ASP A 431 21.19 -12.87 2.29
CA ASP A 431 22.04 -11.69 2.24
C ASP A 431 22.13 -10.93 3.56
N ILE A 432 20.99 -10.65 4.19
CA ILE A 432 20.95 -9.59 5.20
C ILE A 432 21.48 -10.11 6.54
N VAL A 433 21.59 -11.42 6.67
CA VAL A 433 22.21 -12.02 7.85
C VAL A 433 23.67 -12.40 7.60
N SER A 434 23.96 -12.94 6.42
CA SER A 434 25.22 -13.63 6.18
C SER A 434 26.23 -12.74 5.45
N ASN A 435 25.82 -11.54 5.09
CA ASN A 435 26.69 -10.62 4.36
C ASN A 435 26.70 -9.22 4.97
N ASP A 436 27.53 -9.04 5.99
CA ASP A 436 27.57 -7.79 6.74
C ASP A 436 28.01 -6.61 5.88
N ASN A 437 29.06 -6.80 5.09
CA ASN A 437 29.54 -5.77 4.17
C ASN A 437 28.42 -5.20 3.31
N LYS A 438 27.59 -6.08 2.76
CA LYS A 438 26.63 -5.66 1.77
C LYS A 438 25.55 -4.82 2.46
N LEU A 439 25.28 -5.15 3.71
CA LEU A 439 24.24 -4.48 4.49
C LEU A 439 24.74 -3.16 5.03
N ASN A 440 26.00 -3.12 5.44
CA ASN A 440 26.62 -1.87 5.83
C ASN A 440 26.68 -0.93 4.63
N ASN A 441 26.96 -1.47 3.46
CA ASN A 441 27.18 -0.64 2.29
C ASN A 441 25.89 0.00 1.79
N GLU A 442 24.76 -0.68 2.00
CA GLU A 442 23.47 -0.16 1.59
C GLU A 442 23.22 1.21 2.22
N TYR A 443 23.68 1.36 3.46
CA TYR A 443 23.42 2.59 4.23
C TYR A 443 24.70 3.41 4.43
N LEU A 444 25.73 3.11 3.66
CA LEU A 444 27.03 3.75 3.78
C LEU A 444 26.96 5.26 3.89
N GLU A 445 26.22 5.88 2.98
CA GLU A 445 26.27 7.33 2.84
C GLU A 445 25.31 7.99 3.81
N LEU A 446 24.60 7.17 4.60
CA LEU A 446 23.74 7.69 5.64
C LEU A 446 24.55 7.95 6.90
N ASN A 447 24.34 9.13 7.49
CA ASN A 447 24.92 9.42 8.79
C ASN A 447 23.97 10.22 9.66
N TYR A 448 23.50 9.59 10.72
CA TYR A 448 22.46 10.15 11.57
C TYR A 448 23.09 10.76 12.80
N LYS A 449 22.51 11.87 13.26
CA LYS A 449 22.80 12.40 14.58
C LYS A 449 21.60 12.26 15.51
N GLU A 450 21.83 11.88 16.75
CA GLU A 450 20.76 11.43 17.62
C GLU A 450 19.96 12.60 18.15
N ASP A 451 20.46 13.81 17.92
CA ASP A 451 19.81 15.01 18.43
C ASP A 451 19.08 15.74 17.29
N GLU A 452 19.08 15.15 16.11
CA GLU A 452 18.70 15.86 14.90
C GLU A 452 17.70 15.03 14.09
N TYR A 453 16.57 14.67 14.70
CA TYR A 453 15.61 13.79 14.06
C TYR A 453 15.18 14.34 12.71
N PHE A 454 14.86 15.63 12.67
CA PHE A 454 14.36 16.25 11.45
C PHE A 454 15.38 16.24 10.32
N GLU A 455 16.63 16.57 10.63
CA GLU A 455 17.70 16.45 9.63
C GLU A 455 17.83 14.99 9.19
N ASN A 456 17.63 14.06 10.13
CA ASN A 456 17.71 12.64 9.80
C ASN A 456 16.66 12.24 8.76
N ILE A 457 15.44 12.73 8.92
CA ILE A 457 14.37 12.33 8.00
C ILE A 457 14.51 13.04 6.66
N ILE A 458 15.04 14.26 6.68
CA ILE A 458 15.35 14.97 5.44
C ILE A 458 16.45 14.25 4.65
N GLN A 459 17.50 13.84 5.36
CA GLN A 459 18.55 13.04 4.75
C GLN A 459 17.95 11.83 4.04
N ASN A 460 17.03 11.15 4.71
CA ASN A 460 16.42 9.95 4.14
C ASN A 460 15.64 10.24 2.84
N LEU A 461 14.93 11.36 2.79
CA LEU A 461 14.19 11.69 1.58
C LEU A 461 15.15 11.95 0.42
N LYS A 462 16.18 12.76 0.66
CA LYS A 462 17.19 13.06 -0.36
C LYS A 462 17.88 11.80 -0.87
N PHE A 463 18.30 10.94 0.05
CA PHE A 463 19.02 9.72 -0.30
C PHE A 463 18.11 8.79 -1.09
N SER A 464 16.86 8.67 -0.65
CA SER A 464 15.89 7.83 -1.33
C SER A 464 15.71 8.27 -2.78
N GLN A 465 15.51 9.56 -2.98
CA GLN A 465 15.23 10.08 -4.31
C GLN A 465 16.44 9.97 -5.22
N SER A 466 17.63 10.24 -4.67
CA SER A 466 18.86 10.19 -5.44
C SER A 466 19.13 8.76 -5.96
N LYS A 467 19.02 7.77 -5.07
CA LYS A 467 19.10 6.36 -5.44
C LYS A 467 18.14 6.00 -6.58
N GLN A 468 16.87 6.41 -6.44
CA GLN A 468 15.86 6.06 -7.44
C GLN A 468 16.22 6.67 -8.81
N LEU A 469 16.58 7.93 -8.81
CA LEU A 469 16.84 8.65 -10.05
C LEU A 469 18.02 8.06 -10.82
N LYS A 470 19.09 7.73 -10.10
CA LYS A 470 20.32 7.27 -10.74
C LYS A 470 20.13 5.88 -11.32
N LYS A 471 18.91 5.34 -11.18
CA LYS A 471 18.59 4.03 -11.75
C LYS A 471 18.24 4.12 -13.24
N LEU A 472 18.14 5.33 -13.77
CA LEU A 472 17.59 5.53 -15.11
C LEU A 472 18.31 4.69 -16.16
N ARG A 473 19.63 4.67 -16.12
CA ARG A 473 20.44 4.01 -17.14
C ARG A 473 20.91 2.65 -16.65
N GLU A 474 20.63 2.34 -15.39
CA GLU A 474 20.99 1.05 -14.83
C GLU A 474 19.95 -0.01 -15.16
N LYS A 475 20.38 -1.28 -15.11
CA LYS A 475 19.48 -2.40 -15.33
C LYS A 475 18.78 -2.76 -14.03
N VAL A 476 17.58 -3.33 -14.14
CA VAL A 476 16.82 -3.74 -12.96
C VAL A 476 17.48 -4.94 -12.29
N ASP A 477 17.61 -4.88 -10.97
CA ASP A 477 18.24 -5.96 -10.22
C ASP A 477 17.26 -7.10 -9.97
N LYS A 478 17.49 -8.21 -10.65
CA LYS A 478 16.63 -9.39 -10.55
C LYS A 478 16.47 -9.87 -9.10
N ASP A 479 17.56 -9.79 -8.35
CA ASP A 479 17.67 -10.50 -7.08
C ASP A 479 17.03 -9.69 -5.95
N GLU A 480 16.75 -8.42 -6.22
CA GLU A 480 16.41 -7.48 -5.17
C GLU A 480 15.02 -7.78 -4.63
N TRP A 481 14.89 -7.77 -3.30
CA TRP A 481 13.61 -8.00 -2.66
C TRP A 481 12.76 -6.73 -2.69
N ILE A 482 11.47 -6.91 -2.92
CA ILE A 482 10.54 -5.80 -2.99
C ILE A 482 9.86 -5.56 -1.65
N SER A 483 10.24 -6.32 -0.63
CA SER A 483 9.77 -6.09 0.73
C SER A 483 10.85 -6.43 1.74
N GLY A 484 10.88 -5.71 2.84
CA GLY A 484 11.57 -6.17 4.03
C GLY A 484 10.87 -7.38 4.62
N ALA A 485 11.58 -8.09 5.49
CA ALA A 485 11.05 -9.29 6.12
C ALA A 485 10.12 -8.97 7.28
N ALA A 486 10.29 -7.79 7.87
CA ALA A 486 9.52 -7.41 9.06
C ALA A 486 8.22 -6.75 8.63
N VAL A 487 7.36 -7.52 7.98
CA VAL A 487 6.19 -6.99 7.31
C VAL A 487 5.10 -8.06 7.40
N VAL A 488 3.98 -7.69 7.99
CA VAL A 488 2.81 -8.55 7.97
C VAL A 488 2.02 -8.32 6.69
N ASN A 489 2.44 -8.98 5.63
CA ASN A 489 1.80 -8.86 4.32
C ASN A 489 2.49 -9.78 3.32
N ALA A 490 1.96 -9.82 2.10
CA ALA A 490 2.58 -10.57 1.03
C ALA A 490 2.30 -9.86 -0.28
N PHE A 491 2.98 -10.25 -1.35
CA PHE A 491 3.08 -9.41 -2.53
C PHE A 491 3.22 -10.24 -3.80
N TYR A 492 2.65 -9.71 -4.88
CA TYR A 492 3.00 -10.11 -6.24
C TYR A 492 3.50 -8.91 -7.05
N SER A 493 4.60 -9.12 -7.77
CA SER A 493 5.13 -8.15 -8.73
C SER A 493 4.92 -8.64 -10.15
N SER A 494 4.10 -7.93 -10.92
CA SER A 494 3.95 -8.22 -12.34
C SER A 494 5.26 -7.95 -13.09
N GLY A 495 6.00 -6.94 -12.66
CA GLY A 495 7.26 -6.58 -13.29
C GLY A 495 8.34 -7.64 -13.12
N ARG A 496 8.34 -8.33 -11.99
CA ARG A 496 9.33 -9.37 -11.76
C ARG A 496 8.73 -10.76 -11.93
N ASN A 497 7.42 -10.81 -12.15
CA ASN A 497 6.68 -12.06 -12.04
C ASN A 497 7.08 -12.84 -10.79
N GLN A 498 6.87 -12.21 -9.64
CA GLN A 498 7.50 -12.63 -8.38
C GLN A 498 6.43 -12.66 -7.28
N ILE A 499 6.40 -13.74 -6.49
CA ILE A 499 5.61 -13.77 -5.26
C ILE A 499 6.50 -13.74 -4.02
N VAL A 500 6.02 -13.02 -3.01
CA VAL A 500 6.85 -12.66 -1.87
C VAL A 500 6.07 -12.82 -0.57
N PHE A 501 6.65 -13.57 0.35
CA PHE A 501 6.06 -13.83 1.65
C PHE A 501 7.08 -13.53 2.75
N PRO A 502 7.13 -12.27 3.16
CA PRO A 502 7.96 -11.83 4.27
C PRO A 502 7.75 -12.67 5.54
N ALA A 503 8.83 -12.88 6.28
CA ALA A 503 8.76 -13.55 7.58
C ALA A 503 7.56 -13.09 8.43
N GLY A 504 7.24 -11.80 8.37
CA GLY A 504 6.22 -11.24 9.23
C GLY A 504 4.85 -11.88 9.11
N ILE A 505 4.53 -12.44 7.95
CA ILE A 505 3.20 -13.03 7.76
C ILE A 505 3.21 -14.54 8.00
N LEU A 506 4.38 -15.11 8.22
CA LEU A 506 4.52 -16.54 8.38
C LEU A 506 4.40 -16.91 9.85
N GLN A 507 3.22 -16.67 10.41
CA GLN A 507 2.92 -16.99 11.80
C GLN A 507 1.41 -17.16 11.92
N PRO A 508 0.94 -17.74 13.02
CA PRO A 508 -0.49 -17.90 13.22
C PRO A 508 -1.22 -16.56 13.12
N PRO A 509 -2.44 -16.55 12.58
CA PRO A 509 -3.15 -17.78 12.21
C PRO A 509 -2.81 -18.31 10.81
N PHE A 510 -1.92 -17.63 10.09
CA PHE A 510 -1.59 -18.00 8.72
C PHE A 510 -0.80 -19.30 8.67
N PHE A 511 0.27 -19.36 9.44
CA PHE A 511 1.23 -20.46 9.33
C PHE A 511 1.89 -20.76 10.66
N SER A 512 1.88 -22.04 11.03
CA SER A 512 2.94 -22.59 11.86
C SER A 512 3.13 -24.06 11.52
N ALA A 513 4.38 -24.51 11.54
CA ALA A 513 4.67 -25.93 11.34
C ALA A 513 3.98 -26.79 12.39
N GLN A 514 3.57 -26.17 13.49
CA GLN A 514 3.01 -26.91 14.61
C GLN A 514 1.48 -26.83 14.69
N GLN A 515 0.85 -25.99 13.88
CA GLN A 515 -0.62 -25.95 13.83
C GLN A 515 -1.17 -26.88 12.75
N SER A 516 -2.46 -27.20 12.82
CA SER A 516 -3.04 -28.12 11.86
C SER A 516 -2.80 -27.62 10.44
N ASN A 517 -2.70 -28.54 9.50
CA ASN A 517 -2.55 -28.14 8.09
C ASN A 517 -3.83 -27.57 7.49
N SER A 518 -4.99 -27.97 8.02
CA SER A 518 -6.23 -27.35 7.58
C SER A 518 -6.12 -25.84 7.75
N LEU A 519 -5.53 -25.45 8.88
CA LEU A 519 -5.33 -24.05 9.21
C LEU A 519 -4.26 -23.42 8.33
N ASN A 520 -3.17 -24.14 8.10
CA ASN A 520 -2.08 -23.62 7.27
C ASN A 520 -2.57 -23.33 5.85
N TYR A 521 -3.36 -24.23 5.28
CA TYR A 521 -3.81 -24.08 3.91
C TYR A 521 -4.89 -22.99 3.81
N GLY A 522 -5.82 -23.02 4.76
CA GLY A 522 -6.83 -21.97 4.84
C GLY A 522 -6.23 -20.61 5.17
N GLY A 523 -5.07 -20.64 5.81
CA GLY A 523 -4.37 -19.43 6.20
C GLY A 523 -3.40 -19.00 5.12
N ILE A 524 -2.14 -19.40 5.25
CA ILE A 524 -1.11 -19.01 4.29
C ILE A 524 -1.32 -19.65 2.92
N GLY A 525 -1.91 -20.83 2.89
CA GLY A 525 -2.20 -21.48 1.63
C GLY A 525 -3.02 -20.57 0.74
N MET A 526 -4.06 -19.99 1.32
CA MET A 526 -4.93 -19.10 0.59
C MET A 526 -4.21 -17.79 0.23
N VAL A 527 -3.24 -17.36 1.05
CA VAL A 527 -2.47 -16.16 0.74
C VAL A 527 -1.55 -16.40 -0.47
N ILE A 528 -0.88 -17.55 -0.49
CA ILE A 528 -0.07 -17.93 -1.65
C ILE A 528 -0.90 -17.96 -2.92
N GLY A 529 -2.09 -18.52 -2.85
CA GLY A 529 -2.96 -18.59 -4.01
C GLY A 529 -3.37 -17.20 -4.47
N HIS A 530 -3.62 -16.32 -3.50
CA HIS A 530 -3.97 -14.92 -3.76
C HIS A 530 -2.87 -14.21 -4.54
N GLU A 531 -1.62 -14.34 -4.08
CA GLU A 531 -0.48 -13.71 -4.74
C GLU A 531 -0.26 -14.27 -6.16
N ILE A 532 -0.34 -15.59 -6.30
CA ILE A 532 -0.14 -16.19 -7.62
C ILE A 532 -1.23 -15.69 -8.57
N THR A 533 -2.46 -15.69 -8.10
CA THR A 533 -3.59 -15.29 -8.92
C THR A 533 -3.52 -13.83 -9.36
N HIS A 534 -2.80 -12.99 -8.62
CA HIS A 534 -2.52 -11.62 -9.07
C HIS A 534 -1.78 -11.60 -10.40
N GLY A 535 -1.08 -12.70 -10.70
CA GLY A 535 -0.37 -12.81 -11.96
C GLY A 535 -1.34 -12.92 -13.11
N PHE A 536 -2.61 -13.12 -12.78
CA PHE A 536 -3.62 -13.47 -13.77
C PHE A 536 -4.92 -12.71 -13.51
N ASP A 537 -4.84 -11.58 -12.83
CA ASP A 537 -6.02 -10.74 -12.64
C ASP A 537 -6.04 -9.64 -13.68
N ASP A 538 -6.88 -8.62 -13.50
CA ASP A 538 -7.17 -7.71 -14.60
C ASP A 538 -5.98 -6.80 -14.85
N ASN A 539 -5.07 -6.71 -13.89
CA ASN A 539 -3.76 -6.11 -14.14
C ASN A 539 -2.76 -7.16 -14.62
N GLY A 540 -2.47 -8.13 -13.76
CA GLY A 540 -1.35 -9.04 -14.00
C GLY A 540 -1.47 -9.88 -15.27
N ARG A 541 -2.68 -10.30 -15.60
CA ARG A 541 -2.91 -11.07 -16.83
C ARG A 541 -2.28 -10.39 -18.04
N ASN A 542 -1.99 -9.10 -17.92
CA ASN A 542 -1.47 -8.31 -19.03
C ASN A 542 0.05 -8.45 -19.17
N PHE A 543 0.69 -9.03 -18.16
CA PHE A 543 2.15 -9.15 -18.17
C PHE A 543 2.54 -10.60 -18.40
N ASN A 544 3.65 -10.80 -19.11
CA ASN A 544 4.04 -12.14 -19.53
C ASN A 544 5.09 -12.71 -18.57
N LYS A 545 5.67 -13.85 -18.93
CA LYS A 545 6.42 -14.65 -17.96
C LYS A 545 7.67 -13.93 -17.48
N ASP A 546 8.08 -12.92 -18.24
CA ASP A 546 9.32 -12.21 -17.93
C ASP A 546 9.02 -10.88 -17.24
N GLY A 547 7.73 -10.57 -17.08
CA GLY A 547 7.32 -9.32 -16.47
C GLY A 547 7.13 -8.19 -17.48
N ASP A 548 6.96 -8.54 -18.75
CA ASP A 548 6.79 -7.52 -19.79
C ASP A 548 5.32 -7.32 -20.15
N LEU A 549 4.93 -6.07 -20.35
CA LEU A 549 3.58 -5.76 -20.77
C LEU A 549 3.36 -6.20 -22.21
N VAL A 550 2.76 -7.36 -22.38
CA VAL A 550 2.59 -7.93 -23.71
C VAL A 550 1.39 -8.85 -23.71
N ASP A 551 0.54 -8.68 -24.73
CA ASP A 551 -0.66 -9.49 -24.89
C ASP A 551 -0.31 -10.93 -25.20
N TRP A 552 -0.64 -11.85 -24.29
CA TRP A 552 -0.57 -13.27 -24.60
C TRP A 552 -1.94 -13.94 -24.63
N TRP A 553 -2.99 -13.14 -24.73
CA TRP A 553 -4.35 -13.67 -24.80
C TRP A 553 -4.88 -13.62 -26.23
N THR A 554 -5.64 -14.63 -26.61
CA THR A 554 -6.55 -14.50 -27.76
C THR A 554 -7.68 -13.54 -27.44
N GLN A 555 -8.21 -12.92 -28.49
CA GLN A 555 -9.38 -12.05 -28.35
C GLN A 555 -10.50 -12.74 -27.59
N GLN A 556 -10.73 -14.01 -27.85
CA GLN A 556 -11.86 -14.72 -27.25
C GLN A 556 -11.67 -14.86 -25.74
N SER A 557 -10.50 -15.31 -25.33
CA SER A 557 -10.21 -15.53 -23.92
C SER A 557 -10.14 -14.20 -23.18
N ALA A 558 -9.50 -13.21 -23.78
CA ALA A 558 -9.45 -11.87 -23.20
C ALA A 558 -10.87 -11.38 -22.92
N SER A 559 -11.74 -11.59 -23.90
CA SER A 559 -13.13 -11.16 -23.77
C SER A 559 -13.86 -11.99 -22.72
N ASN A 560 -13.57 -13.28 -22.67
CA ASN A 560 -14.21 -14.17 -21.71
C ASN A 560 -13.79 -13.85 -20.27
N PHE A 561 -12.50 -13.64 -20.05
CA PHE A 561 -12.00 -13.13 -18.77
C PHE A 561 -12.88 -11.98 -18.31
N LYS A 562 -12.95 -10.93 -19.13
CA LYS A 562 -13.73 -9.76 -18.79
C LYS A 562 -15.15 -10.17 -18.40
N GLU A 563 -15.73 -11.10 -19.15
CA GLU A 563 -17.11 -11.50 -18.92
C GLU A 563 -17.25 -12.31 -17.65
N GLN A 564 -16.32 -13.24 -17.42
CA GLN A 564 -16.31 -14.02 -16.18
C GLN A 564 -16.17 -13.09 -14.98
N SER A 565 -15.31 -12.08 -15.08
CA SER A 565 -14.97 -11.26 -13.92
C SER A 565 -16.03 -10.20 -13.68
N GLN A 566 -16.71 -9.79 -14.75
CA GLN A 566 -17.82 -8.86 -14.60
C GLN A 566 -18.84 -9.36 -13.57
N CYS A 567 -18.97 -10.69 -13.46
CA CYS A 567 -19.80 -11.27 -12.43
C CYS A 567 -19.41 -10.81 -11.01
N MET A 568 -18.10 -10.73 -10.74
CA MET A 568 -17.62 -10.31 -9.43
C MET A 568 -17.73 -8.80 -9.23
N VAL A 569 -17.59 -8.04 -10.31
CA VAL A 569 -17.80 -6.60 -10.25
C VAL A 569 -19.22 -6.34 -9.75
N TYR A 570 -20.19 -7.05 -10.32
CA TYR A 570 -21.60 -6.90 -9.96
C TYR A 570 -21.88 -7.40 -8.54
N GLN A 571 -21.32 -8.56 -8.21
CA GLN A 571 -21.50 -9.16 -6.88
C GLN A 571 -21.03 -8.24 -5.76
N TYR A 572 -19.78 -7.80 -5.81
CA TYR A 572 -19.21 -7.02 -4.71
C TYR A 572 -19.70 -5.59 -4.78
N GLY A 573 -19.82 -5.06 -5.99
CA GLY A 573 -20.51 -3.81 -6.22
C GLY A 573 -21.87 -3.73 -5.54
N ASN A 574 -22.45 -4.87 -5.22
CA ASN A 574 -23.80 -4.91 -4.68
C ASN A 574 -23.86 -4.97 -3.15
N PHE A 575 -22.72 -5.23 -2.53
CA PHE A 575 -22.59 -5.14 -1.08
C PHE A 575 -22.68 -3.70 -0.62
N SER A 576 -23.55 -3.43 0.35
CA SER A 576 -23.59 -2.14 1.00
C SER A 576 -22.98 -2.22 2.39
N TRP A 577 -22.26 -1.17 2.78
CA TRP A 577 -21.40 -1.20 3.97
C TRP A 577 -21.90 -0.16 4.98
N ASP A 578 -22.47 -0.64 6.09
CA ASP A 578 -23.04 0.25 7.09
C ASP A 578 -22.01 1.27 7.56
N LEU A 579 -20.82 0.79 7.88
CA LEU A 579 -19.81 1.63 8.51
C LEU A 579 -19.48 2.82 7.61
N ALA A 580 -19.63 2.62 6.31
CA ALA A 580 -19.43 3.70 5.36
C ALA A 580 -20.76 4.38 5.02
N GLY A 581 -21.76 4.13 5.84
CA GLY A 581 -23.05 4.80 5.69
C GLY A 581 -23.90 4.21 4.59
N GLY A 582 -23.80 2.90 4.40
CA GLY A 582 -24.65 2.21 3.45
C GLY A 582 -24.15 2.27 2.00
N GLN A 583 -23.09 3.02 1.78
CA GLN A 583 -22.44 3.06 0.46
C GLN A 583 -22.11 1.66 -0.08
N HIS A 584 -22.20 1.51 -1.40
CA HIS A 584 -21.84 0.26 -2.05
C HIS A 584 -20.33 0.20 -2.26
N LEU A 585 -19.77 -0.98 -2.26
CA LEU A 585 -18.37 -1.15 -2.62
C LEU A 585 -18.17 -0.72 -4.07
N ASN A 586 -16.98 -0.24 -4.40
CA ASN A 586 -16.57 -0.16 -5.78
C ASN A 586 -16.13 -1.52 -6.31
N GLY A 587 -17.01 -2.14 -7.08
CA GLY A 587 -16.79 -3.49 -7.57
C GLY A 587 -15.75 -3.55 -8.66
N ILE A 588 -15.49 -2.39 -9.28
CA ILE A 588 -14.45 -2.30 -10.29
C ILE A 588 -13.07 -2.19 -9.65
N ASN A 589 -12.92 -1.28 -8.68
CA ASN A 589 -11.62 -1.00 -8.07
C ASN A 589 -11.12 -2.17 -7.21
N THR A 590 -12.02 -3.01 -6.74
CA THR A 590 -11.64 -4.14 -5.91
C THR A 590 -11.52 -5.44 -6.70
N LEU A 591 -11.76 -5.36 -8.00
CA LEU A 591 -11.95 -6.57 -8.80
C LEU A 591 -10.73 -7.47 -8.69
N GLY A 592 -9.57 -6.91 -9.00
CA GLY A 592 -8.33 -7.68 -8.98
C GLY A 592 -8.12 -8.37 -7.65
N GLU A 593 -8.33 -7.63 -6.56
CA GLU A 593 -8.21 -8.23 -5.23
C GLU A 593 -9.26 -9.32 -5.00
N ASN A 594 -10.47 -9.06 -5.46
CA ASN A 594 -11.54 -10.05 -5.36
C ASN A 594 -11.27 -11.31 -6.20
N ILE A 595 -10.68 -11.11 -7.37
CA ILE A 595 -10.33 -12.22 -8.24
C ILE A 595 -9.27 -13.06 -7.54
N ALA A 596 -8.31 -12.38 -6.93
CA ALA A 596 -7.21 -13.06 -6.25
C ALA A 596 -7.72 -13.85 -5.04
N ASP A 597 -8.72 -13.31 -4.36
CA ASP A 597 -9.27 -13.96 -3.17
C ASP A 597 -9.99 -15.24 -3.56
N ASN A 598 -10.87 -15.13 -4.55
CA ASN A 598 -11.68 -16.28 -5.00
C ASN A 598 -10.81 -17.36 -5.62
N GLY A 599 -9.90 -16.99 -6.50
CA GLY A 599 -8.95 -17.94 -7.06
C GLY A 599 -8.14 -18.57 -5.94
N GLY A 600 -7.61 -17.72 -5.08
CA GLY A 600 -6.67 -18.13 -4.06
C GLY A 600 -7.24 -19.17 -3.10
N LEU A 601 -8.46 -18.94 -2.63
CA LEU A 601 -9.06 -19.84 -1.64
C LEU A 601 -9.46 -21.17 -2.27
N GLY A 602 -9.94 -21.10 -3.52
CA GLY A 602 -10.18 -22.31 -4.28
C GLY A 602 -8.93 -23.15 -4.40
N GLN A 603 -7.83 -22.52 -4.79
CA GLN A 603 -6.59 -23.23 -5.05
C GLN A 603 -6.07 -23.89 -3.76
N ALA A 604 -6.10 -23.12 -2.67
CA ALA A 604 -5.65 -23.60 -1.37
C ALA A 604 -6.49 -24.76 -0.86
N TYR A 605 -7.79 -24.70 -1.12
CA TYR A 605 -8.67 -25.79 -0.70
C TYR A 605 -8.34 -27.07 -1.45
N ARG A 606 -8.10 -26.94 -2.75
CA ARG A 606 -7.79 -28.10 -3.59
C ARG A 606 -6.42 -28.68 -3.26
N ALA A 607 -5.48 -27.83 -2.86
CA ALA A 607 -4.18 -28.32 -2.42
C ALA A 607 -4.30 -29.08 -1.10
N TYR A 608 -5.18 -28.63 -0.21
CA TYR A 608 -5.38 -29.33 1.04
C TYR A 608 -6.05 -30.68 0.78
N GLN A 609 -6.98 -30.73 -0.17
CA GLN A 609 -7.59 -31.99 -0.56
C GLN A 609 -6.54 -32.93 -1.11
N ASN A 610 -5.72 -32.46 -2.03
CA ASN A 610 -4.59 -33.25 -2.53
C ASN A 610 -3.66 -33.72 -1.42
N TYR A 611 -3.70 -33.03 -0.28
CA TYR A 611 -2.80 -33.37 0.82
C TYR A 611 -3.44 -34.44 1.69
N ILE A 612 -4.71 -34.25 2.02
CA ILE A 612 -5.48 -35.24 2.75
C ILE A 612 -5.50 -36.57 2.00
N LYS A 613 -5.69 -36.49 0.68
CA LYS A 613 -5.59 -37.64 -0.21
C LYS A 613 -4.33 -38.45 0.05
N LYS A 614 -3.18 -37.79 -0.02
CA LYS A 614 -1.90 -38.50 -0.02
C LYS A 614 -1.53 -38.94 1.39
N ASN A 615 -1.94 -38.16 2.40
CA ASN A 615 -1.32 -38.23 3.72
C ASN A 615 -2.29 -38.74 4.79
N GLY A 616 -3.58 -38.49 4.60
CA GLY A 616 -4.59 -38.92 5.56
C GLY A 616 -5.27 -37.78 6.30
N GLU A 617 -6.49 -38.04 6.78
CA GLU A 617 -7.15 -37.18 7.77
C GLU A 617 -6.22 -36.88 8.94
N GLU A 618 -6.24 -35.63 9.41
CA GLU A 618 -5.49 -35.27 10.62
C GLU A 618 -6.36 -35.21 11.87
N LYS A 619 -5.72 -35.21 13.03
CA LYS A 619 -6.42 -35.32 14.29
C LYS A 619 -7.27 -34.08 14.53
N LEU A 620 -8.42 -34.27 15.16
CA LEU A 620 -9.37 -33.19 15.35
C LEU A 620 -8.87 -32.22 16.42
N LEU A 621 -9.42 -31.01 16.44
CA LEU A 621 -9.04 -30.04 17.44
C LEU A 621 -10.03 -30.10 18.61
N PRO A 622 -9.50 -30.09 19.83
CA PRO A 622 -10.34 -30.21 21.03
C PRO A 622 -11.24 -28.99 21.21
N GLY A 623 -12.45 -29.20 21.72
CA GLY A 623 -13.32 -28.10 22.09
C GLY A 623 -14.11 -27.58 20.91
N LEU A 624 -13.89 -28.17 19.75
CA LEU A 624 -14.51 -27.71 18.53
C LEU A 624 -15.24 -28.85 17.83
N ASP A 625 -16.53 -28.65 17.57
CA ASP A 625 -17.33 -29.67 16.91
C ASP A 625 -17.31 -29.45 15.41
N LEU A 626 -16.11 -29.28 14.88
CA LEU A 626 -15.92 -29.12 13.46
C LEU A 626 -14.91 -30.14 12.97
N ASN A 627 -15.09 -30.62 11.75
CA ASN A 627 -14.04 -31.33 11.05
C ASN A 627 -13.14 -30.34 10.31
N HIS A 628 -12.18 -30.87 9.56
CA HIS A 628 -11.04 -30.06 9.15
C HIS A 628 -11.34 -29.29 7.87
N LYS A 629 -12.21 -29.84 7.03
CA LYS A 629 -12.82 -29.05 5.96
C LYS A 629 -13.45 -27.79 6.55
N GLN A 630 -14.19 -27.95 7.63
CA GLN A 630 -14.87 -26.82 8.27
C GLN A 630 -13.87 -25.86 8.92
N LEU A 631 -12.81 -26.39 9.54
CA LEU A 631 -11.80 -25.57 10.19
C LEU A 631 -11.01 -24.77 9.15
N PHE A 632 -10.83 -25.38 7.98
CA PHE A 632 -10.15 -24.73 6.88
C PHE A 632 -10.83 -23.40 6.56
N PHE A 633 -12.13 -23.43 6.33
CA PHE A 633 -12.91 -22.21 6.12
C PHE A 633 -12.99 -21.34 7.37
N LEU A 634 -13.02 -21.97 8.55
CA LEU A 634 -13.09 -21.20 9.79
C LEU A 634 -11.88 -20.28 9.89
N ASN A 635 -10.71 -20.82 9.57
CA ASN A 635 -9.47 -20.09 9.75
C ASN A 635 -9.29 -19.03 8.66
N PHE A 636 -9.70 -19.38 7.46
CA PHE A 636 -9.64 -18.42 6.36
C PHE A 636 -10.40 -17.17 6.75
N ALA A 637 -11.57 -17.37 7.34
CA ALA A 637 -12.44 -16.26 7.72
C ALA A 637 -11.88 -15.46 8.90
N GLN A 638 -11.23 -16.13 9.85
CA GLN A 638 -10.82 -15.48 11.10
C GLN A 638 -9.58 -14.60 10.88
N VAL A 639 -8.88 -14.81 9.78
CA VAL A 639 -7.88 -13.84 9.33
C VAL A 639 -8.45 -12.43 9.40
N TRP A 640 -9.76 -12.30 9.19
CA TRP A 640 -10.35 -11.01 8.89
C TRP A 640 -11.33 -10.59 9.97
N CYS A 641 -11.30 -11.30 11.10
CA CYS A 641 -12.00 -10.83 12.29
C CYS A 641 -11.56 -9.40 12.61
N GLY A 642 -12.51 -8.48 12.61
CA GLY A 642 -12.26 -7.12 13.01
C GLY A 642 -13.27 -6.16 12.41
N THR A 643 -12.96 -4.87 12.47
CA THR A 643 -13.94 -3.84 12.18
C THR A 643 -13.23 -2.51 11.92
N TYR A 644 -14.02 -1.49 11.56
CA TYR A 644 -13.51 -0.25 11.00
C TYR A 644 -14.14 0.92 11.76
N ARG A 645 -13.40 2.01 11.92
CA ARG A 645 -14.03 3.30 12.21
C ARG A 645 -14.80 3.85 11.00
N PRO A 646 -15.96 4.44 11.26
CA PRO A 646 -16.80 4.97 10.19
C PRO A 646 -16.04 5.95 9.31
N GLU A 647 -15.25 6.81 9.94
CA GLU A 647 -14.44 7.77 9.21
C GLU A 647 -13.46 7.05 8.29
N TYR A 648 -12.90 5.94 8.76
CA TYR A 648 -11.99 5.16 7.92
C TYR A 648 -12.72 4.28 6.89
N ALA A 649 -13.91 3.81 7.22
CA ALA A 649 -14.74 3.09 6.24
C ALA A 649 -15.05 3.96 5.02
N VAL A 650 -15.38 5.23 5.28
CA VAL A 650 -15.60 6.21 4.22
C VAL A 650 -14.33 6.42 3.38
N ASN A 651 -13.18 6.42 4.04
CA ASN A 651 -11.88 6.51 3.38
C ASN A 651 -11.59 5.27 2.54
N SER A 652 -11.61 4.11 3.21
CA SER A 652 -11.18 2.84 2.63
C SER A 652 -12.04 2.39 1.43
N ILE A 653 -13.34 2.67 1.50
CA ILE A 653 -14.24 2.26 0.42
C ILE A 653 -13.81 2.90 -0.89
N LYS A 654 -13.09 4.01 -0.78
CA LYS A 654 -12.60 4.72 -1.96
C LYS A 654 -11.12 4.45 -2.27
N THR A 655 -10.32 4.13 -1.27
CA THR A 655 -8.86 4.14 -1.44
C THR A 655 -8.24 2.75 -1.36
N ASP A 656 -8.93 1.81 -0.72
CA ASP A 656 -8.42 0.44 -0.65
C ASP A 656 -8.92 -0.40 -1.82
N VAL A 657 -7.99 -0.95 -2.59
CA VAL A 657 -8.34 -1.83 -3.69
C VAL A 657 -8.78 -3.20 -3.19
N HIS A 658 -8.57 -3.47 -1.90
CA HIS A 658 -9.14 -4.65 -1.25
C HIS A 658 -10.55 -4.35 -0.79
N SER A 659 -11.44 -5.34 -0.88
CA SER A 659 -12.70 -5.30 -0.13
C SER A 659 -12.40 -5.33 1.37
N PRO A 660 -13.29 -4.74 2.17
CA PRO A 660 -13.24 -4.91 3.62
C PRO A 660 -13.28 -6.37 4.00
N GLY A 661 -12.59 -6.73 5.09
CA GLY A 661 -12.47 -8.11 5.51
C GLY A 661 -13.77 -8.89 5.50
N ASN A 662 -14.84 -8.33 6.04
CA ASN A 662 -16.08 -9.08 6.12
C ASN A 662 -16.62 -9.46 4.74
N PHE A 663 -16.48 -8.56 3.78
CA PHE A 663 -17.00 -8.82 2.43
C PHE A 663 -16.04 -9.68 1.61
N ARG A 664 -14.76 -9.67 1.95
CA ARG A 664 -13.84 -10.68 1.40
C ARG A 664 -14.29 -12.08 1.73
N ILE A 665 -14.70 -12.30 2.98
CA ILE A 665 -15.12 -13.62 3.40
C ILE A 665 -16.46 -14.01 2.77
N ILE A 666 -17.44 -13.12 2.87
CA ILE A 666 -18.77 -13.41 2.36
C ILE A 666 -18.73 -13.57 0.84
N GLY A 667 -18.11 -12.61 0.17
CA GLY A 667 -17.93 -12.67 -1.27
C GLY A 667 -17.36 -13.99 -1.73
N THR A 668 -16.22 -14.38 -1.19
CA THR A 668 -15.52 -15.56 -1.68
C THR A 668 -16.30 -16.83 -1.37
N LEU A 669 -16.86 -16.91 -0.18
CA LEU A 669 -17.56 -18.12 0.25
C LEU A 669 -18.95 -18.26 -0.38
N GLN A 670 -19.54 -17.15 -0.81
CA GLN A 670 -20.74 -17.20 -1.65
C GLN A 670 -20.40 -17.90 -2.97
N ASN A 671 -19.15 -17.77 -3.40
CA ASN A 671 -18.72 -18.33 -4.67
C ASN A 671 -18.17 -19.74 -4.50
N SER A 672 -18.17 -20.26 -3.28
CA SER A 672 -17.57 -21.56 -3.00
C SER A 672 -18.63 -22.64 -2.77
N ALA A 673 -18.71 -23.57 -3.71
CA ALA A 673 -19.53 -24.76 -3.53
C ALA A 673 -18.99 -25.62 -2.38
N GLU A 674 -17.68 -25.73 -2.30
CA GLU A 674 -17.04 -26.53 -1.26
C GLU A 674 -17.43 -26.06 0.15
N PHE A 675 -17.55 -24.75 0.34
CA PHE A 675 -17.95 -24.21 1.64
C PHE A 675 -19.36 -24.67 2.01
N SER A 676 -20.26 -24.64 1.04
CA SER A 676 -21.67 -24.97 1.27
C SER A 676 -21.83 -26.45 1.60
N GLU A 677 -21.10 -27.30 0.89
CA GLU A 677 -20.93 -28.69 1.30
C GLU A 677 -20.60 -28.76 2.78
N ALA A 678 -19.54 -28.07 3.17
CA ALA A 678 -18.90 -28.31 4.46
C ALA A 678 -19.84 -27.94 5.61
N PHE A 679 -20.68 -26.93 5.39
CA PHE A 679 -21.60 -26.49 6.42
C PHE A 679 -23.06 -26.74 6.01
N HIS A 680 -23.25 -27.58 5.00
CA HIS A 680 -24.56 -28.14 4.71
C HIS A 680 -25.59 -27.03 4.47
N CYS A 681 -25.28 -26.18 3.49
CA CYS A 681 -26.01 -24.93 3.31
C CYS A 681 -27.10 -25.10 2.28
N ARG A 682 -28.30 -24.63 2.60
CA ARG A 682 -29.42 -24.66 1.67
C ARG A 682 -29.10 -23.80 0.45
N LYS A 683 -29.45 -24.31 -0.73
CA LYS A 683 -29.62 -23.44 -1.90
C LYS A 683 -30.30 -22.13 -1.51
N ASN A 684 -29.62 -21.02 -1.75
CA ASN A 684 -30.21 -19.69 -1.57
C ASN A 684 -30.39 -19.30 -0.11
N SER A 685 -29.84 -20.11 0.80
CA SER A 685 -28.92 -19.60 1.82
C SER A 685 -28.26 -18.31 1.37
N TYR A 686 -28.20 -17.33 2.26
CA TYR A 686 -27.46 -16.10 1.98
C TYR A 686 -26.02 -16.43 1.59
N MET A 687 -25.44 -17.45 2.21
CA MET A 687 -24.05 -17.83 1.96
C MET A 687 -23.91 -18.78 0.78
N ASN A 688 -25.04 -19.22 0.23
CA ASN A 688 -25.02 -20.20 -0.85
C ASN A 688 -25.95 -19.80 -1.99
N PRO A 689 -25.72 -18.64 -2.58
CA PRO A 689 -26.46 -18.23 -3.77
C PRO A 689 -26.40 -19.29 -4.84
N GLU A 690 -27.45 -19.42 -5.63
CA GLU A 690 -27.49 -20.42 -6.69
C GLU A 690 -26.54 -20.01 -7.79
N LYS A 691 -26.51 -18.71 -8.08
CA LYS A 691 -25.60 -18.17 -9.08
C LYS A 691 -24.27 -17.79 -8.42
N LYS A 692 -23.17 -18.25 -9.00
CA LYS A 692 -21.85 -18.04 -8.43
C LYS A 692 -20.90 -17.49 -9.48
N CYS A 693 -19.98 -16.64 -9.06
CA CYS A 693 -18.93 -16.15 -9.94
C CYS A 693 -17.74 -17.09 -9.93
N ARG A 694 -17.08 -17.20 -11.08
CA ARG A 694 -15.82 -17.90 -11.18
C ARG A 694 -14.98 -17.26 -12.26
N VAL A 695 -13.75 -16.93 -11.91
CA VAL A 695 -12.72 -16.73 -12.91
C VAL A 695 -11.68 -17.84 -12.77
N TRP A 696 -10.75 -17.69 -11.83
CA TRP A 696 -9.72 -18.71 -11.62
C TRP A 696 -10.17 -19.79 -10.63
C1 NAG B . 17.40 13.60 24.14
C2 NAG B . 18.35 12.80 25.03
C3 NAG B . 19.13 13.70 25.97
C4 NAG B . 19.79 14.83 25.19
C5 NAG B . 18.80 15.53 24.26
C6 NAG B . 19.53 16.53 23.39
C7 NAG B . 17.78 10.49 25.49
C8 NAG B . 16.98 9.52 26.30
N2 NAG B . 17.64 11.79 25.79
O3 NAG B . 20.13 12.95 26.62
O4 NAG B . 20.36 15.77 26.07
O5 NAG B . 18.14 14.58 23.44
O6 NAG B . 19.34 17.83 23.89
O7 NAG B . 18.52 10.10 24.60
C1 NAG C . 15.93 25.41 -16.81
C2 NAG C . 17.46 25.45 -16.72
C3 NAG C . 17.95 26.63 -15.91
C4 NAG C . 17.26 27.91 -16.35
C5 NAG C . 15.75 27.68 -16.25
C6 NAG C . 14.95 28.93 -16.54
C7 NAG C . 18.40 23.22 -16.81
C8 NAG C . 18.63 21.93 -16.08
N2 NAG C . 17.92 24.23 -16.09
O3 NAG C . 19.35 26.76 -16.04
O4 NAG C . 17.67 28.96 -15.51
O5 NAG C . 15.41 26.68 -17.18
O6 NAG C . 15.58 30.02 -15.92
O7 NAG C . 18.63 23.31 -18.01
C1 NAG D . -25.97 -5.16 -8.55
C2 NAG D . -25.23 -4.10 -9.36
C3 NAG D . -26.07 -3.71 -10.57
C4 NAG D . -26.32 -4.96 -11.40
C5 NAG D . -26.99 -6.01 -10.51
C6 NAG D . -27.33 -7.29 -11.27
C7 NAG D . -23.65 -2.46 -8.62
C8 NAG D . -23.44 -1.05 -8.17
N2 NAG D . -24.88 -2.95 -8.56
O3 NAG D . -25.41 -2.72 -11.34
O4 NAG D . -27.13 -4.66 -12.51
O5 NAG D . -26.19 -6.28 -9.38
O6 NAG D . -26.16 -7.79 -11.90
O7 NAG D . -22.69 -3.13 -9.04
ZN ZN E . -3.87 -8.74 -3.29
C1 I20 F . -0.58 -5.88 -0.84
C2 I20 F . -0.49 -6.93 -1.94
O5 I20 F . -1.35 -9.27 -2.70
C7 I20 F . -1.53 -8.78 -0.24
C8 I20 F . -2.69 -9.52 0.39
C9 I20 F . -2.22 -10.55 1.42
C10 I20 F . -3.62 -8.55 1.05
C11 I20 F . -3.39 -11.29 2.05
C12 I20 F . -3.77 -11.03 3.36
C13 I20 F . -4.82 -11.73 3.95
C14 I20 F . -5.53 -12.69 3.23
C15 I20 F . -5.14 -12.95 1.91
C16 I20 F . -4.08 -12.26 1.34
C27 I20 F . -0.68 -6.72 -6.47
N29 I20 F . 1.28 -7.05 -7.78
C30 I20 F . 0.27 -6.49 -4.18
C32 I20 F . 0.06 -5.80 -5.51
C35 I20 F . -3.85 -6.68 2.58
NZ I20 F . -0.69 -1.63 -9.90
CE I20 F . 0.13 -2.46 -9.81
CD I20 F . 1.08 -3.39 -9.69
CG I20 F . 2.46 -3.16 -10.18
CB I20 F . 3.18 -4.66 -10.18
CA I20 F . 2.19 -5.57 -9.28
N I20 F . 0.98 -4.76 -9.11
C I20 F . -0.15 -5.22 -8.39
O I20 F . -1.11 -4.50 -8.16
C28 I20 F . -0.10 -6.63 -7.88
O31 I20 F . 1.25 -7.19 -4.01
N3 I20 F . -0.65 -6.29 -3.25
P4 I20 F . -1.69 -8.15 -1.75
O6 I20 F . -3.04 -7.50 -1.84
N34 I20 F . -3.04 -7.58 1.76
C37 I20 F . -3.41 -5.27 2.39
O39 I20 F . -4.17 -4.35 2.66
O38 I20 F . -2.29 -5.04 1.95
C36 I20 F . -3.72 -7.08 4.06
O33 I20 F . -4.84 -8.67 0.94
#